data_6YHV
#
_entry.id   6YHV
#
_cell.length_a   66.506
_cell.length_b   68.078
_cell.length_c   77.604
_cell.angle_alpha   72.94
_cell.angle_beta   68.84
_cell.angle_gamma   79.27
#
_symmetry.space_group_name_H-M   'P 1'
#
loop_
_entity.id
_entity.type
_entity.pdbx_description
1 polymer Tse8
2 non-polymer 'COPPER (II) ION'
3 water water
#
_entity_poly.entity_id   1
_entity_poly.type   'polypeptide(L)'
_entity_poly.pdbx_seq_one_letter_code
;MMGSSHHHHHHHHHSSGENLYFQGGSMIEVTEVSIAELRDALESGRTTAVELVQAYLARIDAYDAPGTPTALNAVVVRNP
DALAEAQASDARRARGEPLGPLDGIPYTAKDSYLVKGLTAASGSPAFKDLVAQRDAFTVERLRAAGAICLGKTNMPPMAN
GGMQRGVYGRAESPYNAAYLTAPFASGSSNGAGTATAASFAAFGLAEETWSSGRGPASNNGLCAYTPSRGVISVRGNWPL
TPTMDVVVPYARSMADLLEILDVVVADDPDTRGDLWRMQPWVPIPKASEVRPASYPALAAGAEALAGKRFGVPRMFINAD
PDAGTSESPGIGGPTGQRIHTRPSVIALWEQARKALEAAGAEVIEVDFPLVSNCEGDRPGAPTVFNRGLVSKEFLHDELW
ELSAWGFDDFLRANGDPKLNRLADVDGPQIFPHDPGTLPNREGDLAAGMDEYVRMAERGIKPWDRIATLPDGLRGLEETR
RIDLEEWMRRLRLDAVLFPTVADVGPADADVNPASADIAWSNGVWVANGNLAIRHLGVPTVTVPMGVMADIGMPVGLTFA
GRAYDDSALLRFAAAFESTGSRRIVPPRTPPLASK
;
_entity_poly.pdbx_strand_id   A,B
#
# COMPACT_ATOMS: atom_id res chain seq x y z
N ILE A 28 -19.99 -29.60 -10.37
CA ILE A 28 -19.00 -30.45 -9.71
C ILE A 28 -18.02 -29.59 -8.92
N GLU A 29 -17.21 -30.25 -8.10
CA GLU A 29 -16.14 -29.59 -7.38
C GLU A 29 -14.90 -29.52 -8.26
N VAL A 30 -14.24 -28.36 -8.26
CA VAL A 30 -13.02 -28.15 -9.04
C VAL A 30 -11.79 -28.02 -8.16
N THR A 31 -11.96 -27.86 -6.85
CA THR A 31 -10.82 -27.69 -5.95
C THR A 31 -9.95 -28.93 -5.94
N GLU A 32 -8.70 -28.78 -6.35
CA GLU A 32 -7.69 -29.84 -6.31
C GLU A 32 -8.05 -31.00 -7.26
N VAL A 33 -8.73 -30.70 -8.36
CA VAL A 33 -9.10 -31.69 -9.36
C VAL A 33 -8.15 -31.57 -10.53
N SER A 34 -7.73 -32.71 -11.08
CA SER A 34 -6.72 -32.74 -12.13
C SER A 34 -7.35 -32.54 -13.51
N ILE A 35 -6.50 -32.21 -14.47
CA ILE A 35 -6.97 -32.00 -15.84
C ILE A 35 -7.63 -33.27 -16.38
N ALA A 36 -7.05 -34.43 -16.10
CA ALA A 36 -7.62 -35.68 -16.60
C ALA A 36 -9.02 -35.90 -16.03
N GLU A 37 -9.22 -35.62 -14.74
CA GLU A 37 -10.54 -35.73 -14.14
C GLU A 37 -11.51 -34.77 -14.81
N LEU A 38 -11.08 -33.54 -15.09
CA LEU A 38 -11.96 -32.57 -15.74
C LEU A 38 -12.36 -33.05 -17.13
N ARG A 39 -11.39 -33.48 -17.93
CA ARG A 39 -11.70 -33.98 -19.26
C ARG A 39 -12.64 -35.18 -19.19
N ASP A 40 -12.42 -36.06 -18.21
CA ASP A 40 -13.32 -37.19 -18.01
C ASP A 40 -14.73 -36.70 -17.73
N ALA A 41 -14.87 -35.68 -16.89
CA ALA A 41 -16.20 -35.14 -16.59
C ALA A 41 -16.85 -34.53 -17.83
N LEU A 42 -16.06 -33.83 -18.65
CA LEU A 42 -16.60 -33.24 -19.87
C LEU A 42 -17.06 -34.32 -20.84
N GLU A 43 -16.33 -35.43 -20.91
CA GLU A 43 -16.62 -36.49 -21.88
C GLU A 43 -17.81 -37.35 -21.46
N SER A 44 -18.00 -37.55 -20.17
CA SER A 44 -19.12 -38.36 -19.67
C SER A 44 -20.39 -37.56 -19.47
N GLY A 45 -20.37 -36.25 -19.71
CA GLY A 45 -21.52 -35.41 -19.48
C GLY A 45 -21.77 -35.05 -18.03
N ARG A 46 -20.85 -35.39 -17.12
CA ARG A 46 -21.00 -35.01 -15.72
C ARG A 46 -20.98 -33.50 -15.52
N THR A 47 -20.40 -32.76 -16.46
CA THR A 47 -20.36 -31.30 -16.38
C THR A 47 -20.16 -30.76 -17.80
N THR A 48 -20.16 -29.44 -17.92
CA THR A 48 -19.92 -28.76 -19.18
C THR A 48 -18.83 -27.72 -18.97
N ALA A 49 -18.29 -27.22 -20.08
CA ALA A 49 -17.29 -26.15 -19.99
C ALA A 49 -17.85 -24.92 -19.31
N VAL A 50 -19.12 -24.58 -19.60
CA VAL A 50 -19.74 -23.42 -18.95
C VAL A 50 -19.80 -23.64 -17.44
N GLU A 51 -20.23 -24.82 -17.02
CA GLU A 51 -20.31 -25.12 -15.58
C GLU A 51 -18.92 -25.03 -14.93
N LEU A 52 -17.88 -25.45 -15.64
CA LEU A 52 -16.53 -25.35 -15.09
C LEU A 52 -16.12 -23.90 -14.89
N VAL A 53 -16.26 -23.09 -15.94
CA VAL A 53 -15.93 -21.67 -15.83
C VAL A 53 -16.66 -21.04 -14.65
N GLN A 54 -17.95 -21.36 -14.50
CA GLN A 54 -18.72 -20.79 -13.40
C GLN A 54 -18.17 -21.25 -12.05
N ALA A 55 -17.74 -22.51 -11.96
CA ALA A 55 -17.21 -23.02 -10.70
C ALA A 55 -15.92 -22.29 -10.31
N TYR A 56 -15.06 -22.01 -11.28
CA TYR A 56 -13.83 -21.28 -10.99
C TYR A 56 -14.12 -19.82 -10.67
N LEU A 57 -14.96 -19.17 -11.48
CA LEU A 57 -15.30 -17.79 -11.21
C LEU A 57 -15.94 -17.64 -9.84
N ALA A 58 -16.68 -18.65 -9.39
CA ALA A 58 -17.25 -18.63 -8.05
C ALA A 58 -16.16 -18.57 -6.98
N ARG A 59 -15.10 -19.37 -7.14
CA ARG A 59 -14.02 -19.36 -6.17
C ARG A 59 -13.29 -18.02 -6.18
N ILE A 60 -13.07 -17.46 -7.37
CA ILE A 60 -12.44 -16.14 -7.47
C ILE A 60 -13.28 -15.10 -6.74
N ASP A 61 -14.60 -15.14 -6.94
CA ASP A 61 -15.47 -14.15 -6.32
C ASP A 61 -15.52 -14.30 -4.81
N ALA A 62 -15.35 -15.52 -4.30
CA ALA A 62 -15.44 -15.75 -2.86
C ALA A 62 -14.13 -15.49 -2.12
N TYR A 63 -12.99 -15.66 -2.78
CA TYR A 63 -11.69 -15.61 -2.12
C TYR A 63 -10.75 -14.55 -2.66
N ASP A 64 -10.87 -14.17 -3.93
CA ASP A 64 -9.89 -13.29 -4.57
C ASP A 64 -10.31 -11.84 -4.63
N ALA A 65 -11.61 -11.56 -4.76
CA ALA A 65 -12.06 -10.20 -5.05
C ALA A 65 -11.88 -9.28 -3.83
N PRO A 66 -11.78 -7.97 -4.06
CA PRO A 66 -11.80 -7.04 -2.94
C PRO A 66 -13.10 -7.15 -2.15
N GLY A 67 -13.00 -6.90 -0.85
CA GLY A 67 -14.15 -6.97 0.03
C GLY A 67 -14.44 -8.35 0.58
N THR A 68 -13.73 -9.38 0.14
CA THR A 68 -13.86 -10.69 0.77
C THR A 68 -12.94 -10.78 1.97
N PRO A 69 -13.17 -11.74 2.87
CA PRO A 69 -12.28 -11.87 4.03
C PRO A 69 -10.84 -12.19 3.66
N THR A 70 -10.60 -12.91 2.57
CA THR A 70 -9.24 -13.27 2.18
C THR A 70 -8.64 -12.27 1.21
N ALA A 71 -9.41 -11.80 0.25
CA ALA A 71 -8.98 -10.78 -0.72
C ALA A 71 -7.56 -11.04 -1.21
N LEU A 72 -7.38 -12.21 -1.82
CA LEU A 72 -6.04 -12.63 -2.25
C LEU A 72 -5.53 -11.81 -3.42
N ASN A 73 -6.42 -11.19 -4.20
CA ASN A 73 -6.02 -10.23 -5.24
C ASN A 73 -5.02 -10.85 -6.22
N ALA A 74 -5.28 -12.11 -6.61
CA ALA A 74 -4.44 -12.82 -7.57
C ALA A 74 -4.84 -12.55 -9.01
N VAL A 75 -6.14 -12.57 -9.32
CA VAL A 75 -6.65 -12.36 -10.66
C VAL A 75 -7.04 -10.91 -10.81
N VAL A 76 -6.35 -10.19 -11.70
CA VAL A 76 -6.45 -8.74 -11.78
C VAL A 76 -7.13 -8.24 -13.05
N VAL A 77 -7.28 -9.08 -14.07
CA VAL A 77 -7.93 -8.71 -15.32
C VAL A 77 -8.78 -9.89 -15.77
N ARG A 78 -10.08 -9.69 -15.90
CA ARG A 78 -10.99 -10.76 -16.31
C ARG A 78 -11.06 -10.86 -17.83
N ASN A 79 -11.31 -12.08 -18.31
CA ASN A 79 -11.63 -12.30 -19.71
C ASN A 79 -13.15 -12.28 -19.86
N PRO A 80 -13.75 -11.23 -20.43
CA PRO A 80 -15.21 -11.19 -20.49
C PRO A 80 -15.82 -12.18 -21.46
N ASP A 81 -15.03 -12.72 -22.39
CA ASP A 81 -15.52 -13.68 -23.37
C ASP A 81 -15.40 -15.13 -22.90
N ALA A 82 -15.01 -15.35 -21.65
CA ALA A 82 -14.75 -16.71 -21.18
C ALA A 82 -15.99 -17.59 -21.31
N LEU A 83 -17.16 -17.07 -20.94
CA LEU A 83 -18.37 -17.88 -21.00
C LEU A 83 -18.77 -18.18 -22.44
N ALA A 84 -18.59 -17.21 -23.34
CA ALA A 84 -18.86 -17.46 -24.75
C ALA A 84 -17.90 -18.50 -25.31
N GLU A 85 -16.63 -18.42 -24.92
CA GLU A 85 -15.66 -19.44 -25.34
C GLU A 85 -16.04 -20.81 -24.81
N ALA A 86 -16.55 -20.86 -23.57
CA ALA A 86 -17.02 -22.13 -23.02
C ALA A 86 -18.23 -22.65 -23.80
N GLN A 87 -19.12 -21.74 -24.20
CA GLN A 87 -20.26 -22.13 -25.02
C GLN A 87 -19.80 -22.82 -26.30
N ALA A 88 -18.89 -22.17 -27.02
CA ALA A 88 -18.39 -22.74 -28.28
C ALA A 88 -17.71 -24.09 -28.05
N SER A 89 -17.05 -24.26 -26.90
CA SER A 89 -16.41 -25.54 -26.62
C SER A 89 -17.43 -26.65 -26.46
N ASP A 90 -18.52 -26.38 -25.73
CA ASP A 90 -19.56 -27.39 -25.57
C ASP A 90 -20.31 -27.64 -26.88
N ALA A 91 -20.41 -26.64 -27.74
CA ALA A 91 -21.01 -26.85 -29.05
C ALA A 91 -20.17 -27.81 -29.89
N ARG A 92 -18.84 -27.68 -29.81
CA ARG A 92 -17.97 -28.64 -30.49
C ARG A 92 -18.17 -30.04 -29.94
N ARG A 93 -18.28 -30.17 -28.62
CA ARG A 93 -18.39 -31.50 -28.01
C ARG A 93 -19.73 -32.15 -28.36
N ALA A 94 -20.82 -31.36 -28.35
CA ALA A 94 -22.12 -31.90 -28.72
C ALA A 94 -22.13 -32.39 -30.15
N ARG A 95 -21.37 -31.74 -31.02
CA ARG A 95 -21.17 -32.19 -32.40
C ARG A 95 -20.10 -33.28 -32.50
N GLY A 96 -19.66 -33.81 -31.37
CA GLY A 96 -18.71 -34.91 -31.33
C GLY A 96 -17.38 -34.62 -32.00
N GLU A 97 -16.82 -33.43 -31.78
CA GLU A 97 -15.54 -33.05 -32.39
C GLU A 97 -14.78 -32.09 -31.47
N PRO A 98 -14.36 -32.56 -30.30
CA PRO A 98 -13.46 -31.74 -29.47
C PRO A 98 -12.14 -31.50 -30.17
N LEU A 99 -11.56 -30.32 -29.93
CA LEU A 99 -10.30 -29.97 -30.58
C LEU A 99 -9.13 -30.78 -30.05
N GLY A 100 -9.26 -31.38 -28.87
CA GLY A 100 -8.16 -32.12 -28.29
C GLY A 100 -8.27 -32.23 -26.78
N PRO A 101 -7.18 -32.65 -26.14
CA PRO A 101 -7.25 -32.95 -24.70
C PRO A 101 -7.53 -31.74 -23.82
N LEU A 102 -7.25 -30.52 -24.28
CA LEU A 102 -7.44 -29.32 -23.47
C LEU A 102 -8.67 -28.52 -23.87
N ASP A 103 -9.48 -29.03 -24.80
CA ASP A 103 -10.69 -28.32 -25.20
C ASP A 103 -11.60 -28.16 -23.99
N GLY A 104 -11.87 -26.91 -23.62
CA GLY A 104 -12.77 -26.60 -22.52
C GLY A 104 -12.12 -26.50 -21.16
N ILE A 105 -10.79 -26.49 -21.07
CA ILE A 105 -10.08 -26.46 -19.79
C ILE A 105 -9.71 -25.01 -19.48
N PRO A 106 -10.10 -24.45 -18.34
CA PRO A 106 -9.75 -23.06 -18.03
C PRO A 106 -8.37 -22.91 -17.39
N TYR A 107 -7.72 -21.78 -17.70
CA TYR A 107 -6.42 -21.43 -17.14
C TYR A 107 -6.36 -19.92 -16.93
N THR A 108 -5.27 -19.48 -16.29
CA THR A 108 -4.94 -18.07 -16.16
C THR A 108 -3.54 -17.83 -16.71
N ALA A 109 -3.28 -16.59 -17.11
CA ALA A 109 -2.00 -16.20 -17.69
C ALA A 109 -1.48 -14.96 -16.97
N LYS A 110 -0.17 -14.96 -16.71
CA LYS A 110 0.50 -13.79 -16.15
C LYS A 110 0.25 -12.57 -17.02
N ASP A 111 0.13 -11.40 -16.37
CA ASP A 111 -0.20 -10.17 -17.09
C ASP A 111 0.87 -9.78 -18.11
N SER A 112 2.00 -10.47 -18.16
CA SER A 112 2.99 -10.23 -19.20
C SER A 112 2.63 -10.88 -20.52
N TYR A 113 1.68 -11.82 -20.52
CA TYR A 113 1.25 -12.48 -21.75
C TYR A 113 0.29 -11.59 -22.54
N LEU A 114 0.49 -11.53 -23.85
CA LEU A 114 -0.48 -10.91 -24.74
C LEU A 114 -1.66 -11.85 -24.93
N VAL A 115 -2.85 -11.41 -24.53
CA VAL A 115 -4.10 -12.12 -24.79
C VAL A 115 -4.99 -11.17 -25.58
N LYS A 116 -5.31 -11.56 -26.82
CA LYS A 116 -5.94 -10.66 -27.78
C LYS A 116 -7.19 -10.00 -27.21
N GLY A 117 -7.26 -8.69 -27.30
CA GLY A 117 -8.40 -7.92 -26.87
C GLY A 117 -8.32 -7.38 -25.45
N LEU A 118 -7.50 -7.99 -24.60
CA LEU A 118 -7.37 -7.54 -23.21
C LEU A 118 -6.14 -6.66 -23.04
N THR A 119 -6.10 -5.95 -21.93
CA THR A 119 -4.94 -5.12 -21.62
C THR A 119 -3.74 -5.99 -21.24
N ALA A 120 -2.54 -5.45 -21.49
CA ALA A 120 -1.28 -6.14 -21.16
C ALA A 120 -0.33 -5.10 -20.55
N ALA A 121 -0.56 -4.76 -19.29
CA ALA A 121 0.19 -3.72 -18.63
C ALA A 121 1.51 -4.21 -18.04
N SER A 122 1.70 -5.53 -17.93
CA SER A 122 2.85 -6.07 -17.21
C SER A 122 2.91 -5.49 -15.80
N GLY A 123 1.72 -5.21 -15.23
CA GLY A 123 1.61 -4.64 -13.91
C GLY A 123 2.10 -3.22 -13.78
N SER A 124 2.38 -2.54 -14.89
CA SER A 124 2.96 -1.21 -14.84
C SER A 124 1.88 -0.15 -15.03
N PRO A 125 1.83 0.88 -14.18
CA PRO A 125 0.89 1.98 -14.44
C PRO A 125 1.07 2.63 -15.80
N ALA A 126 2.30 2.68 -16.31
CA ALA A 126 2.54 3.34 -17.60
C ALA A 126 1.85 2.63 -18.75
N PHE A 127 1.55 1.35 -18.62
CA PHE A 127 0.95 0.54 -19.68
C PHE A 127 -0.45 0.06 -19.32
N LYS A 128 -1.10 0.70 -18.35
CA LYS A 128 -2.39 0.21 -17.86
C LYS A 128 -3.47 0.20 -18.93
N ASP A 129 -3.33 0.99 -19.99
CA ASP A 129 -4.33 1.05 -21.07
C ASP A 129 -3.88 0.33 -22.34
N LEU A 130 -2.67 -0.20 -22.37
CA LEU A 130 -2.20 -0.92 -23.56
C LEU A 130 -3.05 -2.17 -23.78
N VAL A 131 -3.49 -2.37 -25.02
CA VAL A 131 -4.36 -3.49 -25.37
C VAL A 131 -3.63 -4.40 -26.34
N ALA A 132 -3.72 -5.70 -26.11
CA ALA A 132 -3.06 -6.68 -26.97
C ALA A 132 -3.78 -6.78 -28.30
N GLN A 133 -3.03 -6.63 -29.39
CA GLN A 133 -3.55 -6.77 -30.74
C GLN A 133 -3.44 -8.18 -31.27
N ARG A 134 -2.81 -9.09 -30.52
CA ARG A 134 -2.67 -10.48 -30.94
C ARG A 134 -2.31 -11.30 -29.71
N ASP A 135 -2.18 -12.60 -29.89
CA ASP A 135 -1.87 -13.52 -28.81
C ASP A 135 -0.37 -13.79 -28.75
N ALA A 136 0.11 -14.11 -27.55
CA ALA A 136 1.44 -14.68 -27.41
C ALA A 136 1.44 -16.12 -27.92
N PHE A 137 2.60 -16.59 -28.36
CA PHE A 137 2.68 -17.90 -28.97
C PHE A 137 2.03 -18.96 -28.08
N THR A 138 2.37 -18.93 -26.78
CA THR A 138 1.76 -19.89 -25.86
C THR A 138 0.25 -19.78 -25.89
N VAL A 139 -0.28 -18.56 -25.90
CA VAL A 139 -1.73 -18.38 -25.89
C VAL A 139 -2.32 -18.83 -27.22
N GLU A 140 -1.63 -18.57 -28.33
CA GLU A 140 -2.09 -19.06 -29.62
C GLU A 140 -2.28 -20.58 -29.60
N ARG A 141 -1.28 -21.31 -29.09
CA ARG A 141 -1.38 -22.76 -29.02
C ARG A 141 -2.56 -23.20 -28.17
N LEU A 142 -2.79 -22.53 -27.04
CA LEU A 142 -3.87 -22.92 -26.15
C LEU A 142 -5.23 -22.55 -26.73
N ARG A 143 -5.31 -21.40 -27.41
CA ARG A 143 -6.56 -21.02 -28.07
C ARG A 143 -6.91 -22.03 -29.17
N ALA A 144 -5.92 -22.42 -29.96
CA ALA A 144 -6.14 -23.41 -31.01
C ALA A 144 -6.57 -24.76 -30.44
N ALA A 145 -6.22 -25.04 -29.18
CA ALA A 145 -6.61 -26.29 -28.53
C ALA A 145 -7.94 -26.19 -27.79
N GLY A 146 -8.55 -25.02 -27.75
CA GLY A 146 -9.84 -24.86 -27.10
C GLY A 146 -9.78 -24.59 -25.61
N ALA A 147 -8.61 -24.21 -25.08
CA ALA A 147 -8.50 -23.84 -23.68
C ALA A 147 -8.99 -22.40 -23.49
N ILE A 148 -9.45 -22.10 -22.27
CA ILE A 148 -10.20 -20.87 -21.99
C ILE A 148 -9.45 -20.08 -20.92
N CYS A 149 -8.93 -18.92 -21.29
CA CYS A 149 -8.30 -18.02 -20.34
C CYS A 149 -9.37 -17.29 -19.52
N LEU A 150 -9.36 -17.49 -18.20
CA LEU A 150 -10.29 -16.79 -17.33
C LEU A 150 -9.86 -15.36 -17.05
N GLY A 151 -8.56 -15.07 -17.15
CA GLY A 151 -8.09 -13.74 -16.86
C GLY A 151 -6.58 -13.75 -16.66
N LYS A 152 -6.08 -12.61 -16.20
CA LYS A 152 -4.66 -12.40 -16.04
C LYS A 152 -4.32 -12.16 -14.57
N THR A 153 -3.10 -12.55 -14.19
CA THR A 153 -2.70 -12.62 -12.78
C THR A 153 -1.70 -11.53 -12.44
N ASN A 154 -1.61 -11.24 -11.14
CA ASN A 154 -0.92 -10.08 -10.63
C ASN A 154 0.61 -10.21 -10.74
N MET A 155 1.28 -9.06 -10.76
CA MET A 155 2.73 -9.01 -10.89
C MET A 155 3.24 -7.59 -10.62
N PRO A 156 4.49 -7.42 -10.19
CA PRO A 156 5.06 -6.07 -10.04
C PRO A 156 5.37 -5.46 -11.39
N PRO A 157 5.56 -4.14 -11.45
CA PRO A 157 5.76 -3.47 -12.75
C PRO A 157 6.89 -4.09 -13.56
N MET A 158 6.58 -4.44 -14.80
CA MET A 158 7.54 -4.95 -15.78
C MET A 158 8.22 -6.24 -15.31
N ALA A 159 7.64 -6.93 -14.32
CA ALA A 159 8.22 -8.13 -13.75
C ALA A 159 9.57 -7.89 -13.11
N ASN A 160 9.86 -6.46 -12.89
CA ASN A 160 11.19 -6.05 -12.44
C ASN A 160 11.25 -6.03 -10.92
N GLY A 161 10.90 -7.16 -10.32
CA GLY A 161 10.84 -7.26 -8.86
C GLY A 161 10.19 -8.55 -8.46
N GLY A 162 9.60 -8.54 -7.27
CA GLY A 162 8.95 -9.72 -6.73
C GLY A 162 7.57 -9.45 -6.18
N MET A 163 7.50 -8.87 -4.98
CA MET A 163 6.24 -8.66 -4.29
C MET A 163 5.84 -7.20 -4.20
N GLN A 164 6.66 -6.33 -4.85
CA GLN A 164 6.35 -4.92 -4.88
C GLN A 164 5.00 -4.70 -5.56
N ARG A 165 4.28 -3.68 -5.12
CA ARG A 165 2.96 -3.43 -5.65
C ARG A 165 3.04 -2.69 -6.98
N GLY A 166 2.33 -3.21 -7.98
CA GLY A 166 2.21 -2.58 -9.26
C GLY A 166 0.89 -1.86 -9.40
N VAL A 167 0.44 -1.69 -10.65
CA VAL A 167 -0.83 -1.03 -10.91
C VAL A 167 -2.00 -1.81 -10.32
N TYR A 168 -1.83 -3.11 -10.05
CA TYR A 168 -2.89 -3.94 -9.48
C TYR A 168 -2.58 -4.35 -8.05
N GLY A 169 -1.57 -3.77 -7.42
CA GLY A 169 -1.15 -4.20 -6.11
C GLY A 169 -0.29 -5.45 -6.16
N ARG A 170 -0.52 -6.37 -5.23
CA ARG A 170 0.20 -7.63 -5.14
C ARG A 170 -0.75 -8.71 -4.66
N ALA A 171 -0.39 -9.97 -4.90
CA ALA A 171 -1.19 -11.08 -4.42
C ALA A 171 -0.73 -11.52 -3.03
N GLU A 172 -1.66 -12.14 -2.31
CA GLU A 172 -1.40 -12.67 -0.97
C GLU A 172 -1.37 -14.19 -0.99
N SER A 173 -0.79 -14.77 0.06
CA SER A 173 -0.61 -16.21 0.14
C SER A 173 -1.92 -16.89 0.53
N PRO A 174 -2.31 -17.98 -0.13
CA PRO A 174 -3.45 -18.76 0.33
C PRO A 174 -3.13 -19.74 1.44
N TYR A 175 -1.87 -19.84 1.86
CA TYR A 175 -1.44 -20.77 2.89
C TYR A 175 -1.28 -20.10 4.25
N ASN A 176 -0.66 -18.93 4.31
CA ASN A 176 -0.47 -18.22 5.58
C ASN A 176 -0.38 -16.74 5.29
N ALA A 177 -1.38 -15.98 5.75
CA ALA A 177 -1.42 -14.55 5.51
C ALA A 177 -0.18 -13.83 6.06
N ALA A 178 0.55 -14.45 6.98
CA ALA A 178 1.69 -13.78 7.61
C ALA A 178 2.96 -13.82 6.76
N TYR A 179 2.98 -14.56 5.66
CA TYR A 179 4.19 -14.71 4.86
C TYR A 179 3.87 -14.44 3.39
N LEU A 180 4.91 -14.07 2.65
CA LEU A 180 4.75 -13.71 1.25
C LEU A 180 4.44 -14.93 0.40
N THR A 181 3.72 -14.71 -0.70
CA THR A 181 3.42 -15.77 -1.64
C THR A 181 4.56 -16.01 -2.63
N ALA A 182 5.63 -15.24 -2.56
CA ALA A 182 6.79 -15.42 -3.43
C ALA A 182 7.98 -14.68 -2.83
N PRO A 183 9.20 -14.97 -3.28
CA PRO A 183 10.36 -14.18 -2.82
C PRO A 183 10.18 -12.71 -3.17
N PHE A 184 10.72 -11.84 -2.29
CA PHE A 184 10.39 -10.42 -2.37
C PHE A 184 11.06 -9.74 -3.56
N ALA A 185 12.29 -10.13 -3.88
CA ALA A 185 13.04 -9.43 -4.91
C ALA A 185 12.90 -10.05 -6.30
N SER A 186 12.55 -11.34 -6.38
CA SER A 186 12.36 -11.99 -7.68
C SER A 186 11.31 -13.09 -7.48
N GLY A 187 10.06 -12.74 -7.75
CA GLY A 187 8.93 -13.62 -7.60
C GLY A 187 7.73 -13.00 -8.28
N SER A 188 7.97 -12.46 -9.48
CA SER A 188 6.99 -11.58 -10.12
C SER A 188 5.74 -12.31 -10.58
N SER A 189 5.75 -13.64 -10.67
CA SER A 189 4.54 -14.37 -10.99
C SER A 189 3.72 -14.66 -9.73
N ASN A 190 3.54 -13.65 -8.88
CA ASN A 190 2.97 -13.91 -7.57
C ASN A 190 1.47 -14.17 -7.65
N GLY A 191 0.79 -13.60 -8.65
CA GLY A 191 -0.61 -13.94 -8.86
C GLY A 191 -0.79 -15.34 -9.40
N ALA A 192 0.07 -15.76 -10.33
CA ALA A 192 -0.03 -17.09 -10.91
C ALA A 192 0.13 -18.17 -9.86
N GLY A 193 1.04 -17.95 -8.89
CA GLY A 193 1.24 -18.95 -7.85
C GLY A 193 0.03 -19.09 -6.94
N THR A 194 -0.47 -17.96 -6.43
CA THR A 194 -1.67 -17.99 -5.60
C THR A 194 -2.86 -18.57 -6.36
N ALA A 195 -3.07 -18.12 -7.60
CA ALA A 195 -4.26 -18.53 -8.35
C ALA A 195 -4.27 -20.02 -8.63
N THR A 196 -3.13 -20.58 -9.03
CA THR A 196 -3.08 -22.00 -9.37
C THR A 196 -3.20 -22.86 -8.12
N ALA A 197 -2.57 -22.44 -7.02
CA ALA A 197 -2.65 -23.22 -5.80
C ALA A 197 -4.05 -23.20 -5.20
N ALA A 198 -4.80 -22.12 -5.41
CA ALA A 198 -6.14 -21.96 -4.87
C ALA A 198 -7.22 -22.49 -5.81
N SER A 199 -6.84 -23.14 -6.92
CA SER A 199 -7.80 -23.69 -7.87
C SER A 199 -8.75 -22.62 -8.39
N PHE A 200 -8.20 -21.46 -8.73
CA PHE A 200 -8.97 -20.46 -9.50
C PHE A 200 -9.02 -20.80 -10.98
N ALA A 201 -8.25 -21.80 -11.39
CA ALA A 201 -8.32 -22.36 -12.73
C ALA A 201 -7.61 -23.72 -12.68
N ALA A 202 -7.63 -24.43 -13.80
CA ALA A 202 -7.02 -25.76 -13.84
C ALA A 202 -5.50 -25.67 -13.79
N PHE A 203 -4.93 -24.70 -14.49
CA PHE A 203 -3.49 -24.50 -14.50
C PHE A 203 -3.21 -23.03 -14.78
N GLY A 204 -1.91 -22.68 -14.81
CA GLY A 204 -1.51 -21.30 -14.95
C GLY A 204 -0.27 -21.17 -15.82
N LEU A 205 -0.08 -19.95 -16.32
CA LEU A 205 1.09 -19.61 -17.11
C LEU A 205 1.89 -18.54 -16.39
N ALA A 206 3.19 -18.77 -16.24
CA ALA A 206 4.06 -17.80 -15.60
C ALA A 206 5.26 -17.50 -16.47
N GLU A 207 6.21 -16.73 -15.95
CA GLU A 207 7.40 -16.34 -16.68
C GLU A 207 8.51 -16.09 -15.68
N GLU A 208 9.75 -16.35 -16.10
CA GLU A 208 10.90 -16.21 -15.21
C GLU A 208 12.01 -15.44 -15.91
N THR A 209 12.63 -14.53 -15.16
CA THR A 209 13.87 -13.87 -15.59
C THR A 209 15.03 -14.20 -14.67
N TRP A 210 14.85 -14.06 -13.35
CA TRP A 210 15.78 -14.61 -12.37
C TRP A 210 15.18 -15.85 -11.74
N SER A 211 14.19 -15.66 -10.86
CA SER A 211 13.46 -16.76 -10.24
C SER A 211 11.97 -16.45 -10.12
N SER A 212 11.43 -15.64 -11.02
CA SER A 212 10.01 -15.27 -10.96
C SER A 212 9.10 -16.44 -11.27
N GLY A 213 9.63 -17.59 -11.68
CA GLY A 213 8.85 -18.79 -11.87
C GLY A 213 9.02 -19.78 -10.73
N ARG A 214 10.27 -20.13 -10.42
CA ARG A 214 10.55 -21.10 -9.36
C ARG A 214 10.12 -20.57 -8.00
N GLY A 215 10.29 -19.26 -7.77
CA GLY A 215 9.97 -18.65 -6.51
C GLY A 215 8.53 -18.85 -6.08
N PRO A 216 7.59 -18.33 -6.88
CA PRO A 216 6.17 -18.50 -6.52
C PRO A 216 5.72 -19.95 -6.48
N ALA A 217 6.27 -20.81 -7.33
CA ALA A 217 5.89 -22.23 -7.28
C ALA A 217 6.24 -22.83 -5.93
N SER A 218 7.42 -22.51 -5.41
CA SER A 218 7.87 -23.06 -4.13
C SER A 218 6.92 -22.67 -3.00
N ASN A 219 6.60 -21.37 -2.89
CA ASN A 219 5.77 -20.91 -1.79
C ASN A 219 4.33 -21.39 -1.88
N ASN A 220 3.89 -21.93 -3.03
CA ASN A 220 2.51 -22.33 -3.21
C ASN A 220 2.34 -23.82 -3.56
N GLY A 221 3.39 -24.63 -3.40
CA GLY A 221 3.25 -26.06 -3.58
C GLY A 221 2.96 -26.51 -5.00
N LEU A 222 3.53 -25.84 -5.99
CA LEU A 222 3.21 -26.09 -7.38
C LEU A 222 4.34 -26.84 -8.08
N CYS A 223 3.97 -27.48 -9.19
CA CYS A 223 4.93 -27.99 -10.16
C CYS A 223 5.18 -26.94 -11.22
N ALA A 224 6.44 -26.80 -11.63
CA ALA A 224 6.82 -25.77 -12.59
C ALA A 224 8.05 -26.23 -13.36
N TYR A 225 8.16 -25.78 -14.61
CA TYR A 225 9.20 -26.23 -15.52
C TYR A 225 9.81 -25.01 -16.21
N THR A 226 11.12 -24.83 -16.05
CA THR A 226 11.82 -23.77 -16.76
C THR A 226 12.60 -24.39 -17.91
N PRO A 227 12.19 -24.17 -19.16
CA PRO A 227 12.79 -24.94 -20.26
C PRO A 227 14.17 -24.44 -20.65
N SER A 228 14.91 -25.34 -21.31
CA SER A 228 16.15 -24.95 -21.97
C SER A 228 15.86 -23.89 -23.04
N ARG A 229 16.92 -23.24 -23.49
CA ARG A 229 16.75 -22.15 -24.45
C ARG A 229 16.11 -22.64 -25.73
N GLY A 230 15.14 -21.87 -26.23
CA GLY A 230 14.51 -22.11 -27.51
C GLY A 230 13.42 -23.15 -27.52
N VAL A 231 13.09 -23.75 -26.37
CA VAL A 231 12.10 -24.81 -26.35
C VAL A 231 10.68 -24.25 -26.46
N ILE A 232 10.39 -23.15 -25.76
CA ILE A 232 9.09 -22.51 -25.81
C ILE A 232 9.29 -21.07 -26.24
N SER A 233 8.70 -20.72 -27.39
CA SER A 233 8.84 -19.36 -27.92
C SER A 233 8.32 -18.35 -26.91
N VAL A 234 9.06 -17.25 -26.76
CA VAL A 234 8.67 -16.15 -25.89
C VAL A 234 8.07 -14.99 -26.69
N ARG A 235 7.70 -15.23 -27.95
CA ARG A 235 7.06 -14.19 -28.74
C ARG A 235 5.71 -13.83 -28.16
N GLY A 236 5.44 -12.54 -28.06
CA GLY A 236 4.21 -12.06 -27.46
C GLY A 236 4.23 -12.02 -25.94
N ASN A 237 5.38 -12.29 -25.32
CA ASN A 237 5.55 -12.13 -23.89
C ASN A 237 6.35 -10.85 -23.63
N TRP A 238 5.87 -10.03 -22.71
CA TRP A 238 6.65 -8.89 -22.27
C TRP A 238 8.06 -9.34 -21.90
N PRO A 239 9.10 -8.84 -22.56
CA PRO A 239 10.46 -9.15 -22.13
C PRO A 239 10.86 -8.33 -20.93
N LEU A 240 11.92 -8.79 -20.27
CA LEU A 240 12.59 -8.00 -19.24
C LEU A 240 14.08 -7.98 -19.54
N THR A 241 14.71 -9.15 -19.54
CA THR A 241 16.08 -9.32 -20.00
C THR A 241 16.07 -10.37 -21.11
N PRO A 242 16.17 -9.96 -22.38
CA PRO A 242 15.94 -10.92 -23.47
C PRO A 242 16.87 -12.12 -23.48
N THR A 243 18.05 -12.04 -22.87
CA THR A 243 18.92 -13.21 -22.80
C THR A 243 18.47 -14.23 -21.77
N MET A 244 17.50 -13.88 -20.91
CA MET A 244 17.14 -14.70 -19.77
C MET A 244 15.68 -15.12 -19.71
N ASP A 245 14.77 -14.36 -20.32
CA ASP A 245 13.35 -14.63 -20.16
C ASP A 245 12.96 -16.01 -20.70
N VAL A 246 12.14 -16.73 -19.95
CA VAL A 246 11.58 -18.00 -20.41
C VAL A 246 10.14 -18.13 -19.92
N VAL A 247 9.37 -18.93 -20.65
CA VAL A 247 8.00 -19.26 -20.27
C VAL A 247 8.01 -20.38 -19.25
N VAL A 248 7.09 -20.32 -18.30
CA VAL A 248 7.04 -21.27 -17.19
C VAL A 248 5.60 -21.70 -16.92
N PRO A 249 5.21 -22.94 -17.21
CA PRO A 249 3.88 -23.40 -16.82
C PRO A 249 3.81 -23.80 -15.36
N TYR A 250 2.65 -23.56 -14.77
CA TYR A 250 2.35 -23.91 -13.39
C TYR A 250 1.23 -24.95 -13.35
N ALA A 251 1.35 -25.90 -12.44
CA ALA A 251 0.30 -26.89 -12.24
C ALA A 251 0.38 -27.44 -10.82
N ARG A 252 -0.72 -28.04 -10.37
CA ARG A 252 -0.80 -28.67 -9.06
C ARG A 252 -0.25 -30.09 -9.03
N SER A 253 0.07 -30.68 -10.18
CA SER A 253 0.61 -32.02 -10.22
C SER A 253 1.47 -32.16 -11.48
N MET A 254 2.36 -33.14 -11.47
CA MET A 254 3.22 -33.35 -12.63
C MET A 254 2.42 -33.82 -13.84
N ALA A 255 1.39 -34.63 -13.61
CA ALA A 255 0.56 -35.09 -14.73
C ALA A 255 -0.09 -33.93 -15.44
N ASP A 256 -0.62 -32.96 -14.68
CA ASP A 256 -1.20 -31.77 -15.29
C ASP A 256 -0.15 -30.99 -16.07
N LEU A 257 1.04 -30.83 -15.48
CA LEU A 257 2.12 -30.12 -16.15
C LEU A 257 2.41 -30.72 -17.52
N LEU A 258 2.43 -32.06 -17.61
CA LEU A 258 2.74 -32.71 -18.87
C LEU A 258 1.61 -32.54 -19.88
N GLU A 259 0.36 -32.51 -19.41
CA GLU A 259 -0.75 -32.20 -20.30
C GLU A 259 -0.55 -30.85 -20.99
N ILE A 260 -0.12 -29.84 -20.23
CA ILE A 260 0.09 -28.51 -20.80
C ILE A 260 1.18 -28.56 -21.87
N LEU A 261 2.32 -29.16 -21.54
CA LEU A 261 3.47 -29.13 -22.45
C LEU A 261 3.14 -29.84 -23.75
N ASP A 262 2.39 -30.95 -23.69
CA ASP A 262 2.01 -31.66 -24.89
C ASP A 262 1.42 -30.72 -25.92
N VAL A 263 0.67 -29.71 -25.47
CA VAL A 263 -0.03 -28.81 -26.37
C VAL A 263 0.83 -27.61 -26.76
N VAL A 264 1.55 -27.00 -25.81
CA VAL A 264 2.18 -25.71 -26.09
C VAL A 264 3.51 -25.88 -26.81
N VAL A 265 4.27 -26.93 -26.50
CA VAL A 265 5.62 -27.05 -27.06
C VAL A 265 5.50 -27.41 -28.54
N ALA A 266 5.92 -26.50 -29.40
CA ALA A 266 5.90 -26.70 -30.85
C ALA A 266 6.74 -25.59 -31.48
N ASP A 267 7.10 -25.80 -32.74
CA ASP A 267 7.91 -24.81 -33.45
C ASP A 267 7.08 -23.58 -33.78
N ASP A 268 7.65 -22.41 -33.50
CA ASP A 268 6.99 -21.15 -33.82
C ASP A 268 7.63 -20.56 -35.08
N PRO A 269 6.93 -20.52 -36.22
CA PRO A 269 7.58 -19.99 -37.44
C PRO A 269 8.00 -18.54 -37.32
N ASP A 270 7.35 -17.76 -36.44
CA ASP A 270 7.70 -16.36 -36.24
C ASP A 270 8.70 -16.25 -35.11
N THR A 271 9.90 -15.73 -35.40
CA THR A 271 10.96 -15.63 -34.42
C THR A 271 11.06 -14.24 -33.79
N ARG A 272 10.20 -13.30 -34.19
CA ARG A 272 10.39 -11.91 -33.76
C ARG A 272 10.31 -11.80 -32.24
N GLY A 273 11.27 -11.08 -31.67
CA GLY A 273 11.33 -10.85 -30.24
C GLY A 273 12.01 -11.95 -29.44
N ASP A 274 12.18 -13.14 -30.02
CA ASP A 274 12.78 -14.28 -29.31
C ASP A 274 14.27 -14.30 -29.65
N LEU A 275 15.08 -13.71 -28.76
CA LEU A 275 16.48 -13.44 -29.08
C LEU A 275 17.23 -14.73 -29.44
N TRP A 276 17.06 -15.77 -28.63
CA TRP A 276 17.86 -16.98 -28.83
C TRP A 276 17.43 -17.76 -30.06
N ARG A 277 16.21 -17.56 -30.56
CA ARG A 277 15.80 -18.20 -31.81
C ARG A 277 16.06 -17.33 -33.04
N MET A 278 16.43 -16.06 -32.84
CA MET A 278 16.82 -15.19 -33.93
C MET A 278 18.33 -15.19 -34.17
N GLN A 279 19.12 -15.30 -33.10
CA GLN A 279 20.56 -15.08 -33.21
C GLN A 279 21.21 -16.19 -34.03
N PRO A 280 22.21 -15.87 -34.84
CA PRO A 280 22.88 -16.89 -35.67
C PRO A 280 24.19 -17.46 -35.12
N TRP A 281 24.66 -16.99 -33.96
CA TRP A 281 26.02 -17.31 -33.52
C TRP A 281 26.10 -18.57 -32.67
N VAL A 282 25.04 -18.91 -31.97
CA VAL A 282 25.01 -20.08 -31.09
C VAL A 282 24.02 -21.08 -31.66
N PRO A 283 24.38 -22.36 -31.81
CA PRO A 283 23.42 -23.34 -32.33
C PRO A 283 22.33 -23.63 -31.30
N ILE A 284 21.09 -23.36 -31.69
CA ILE A 284 19.93 -23.63 -30.85
C ILE A 284 19.05 -24.64 -31.60
N PRO A 285 18.70 -25.77 -30.99
CA PRO A 285 17.85 -26.74 -31.69
C PRO A 285 16.41 -26.29 -31.75
N LYS A 286 15.68 -26.85 -32.71
CA LYS A 286 14.26 -26.58 -32.83
C LYS A 286 13.50 -27.21 -31.67
N ALA A 287 12.39 -26.58 -31.30
CA ALA A 287 11.54 -27.15 -30.25
C ALA A 287 11.12 -28.57 -30.60
N SER A 288 10.78 -28.82 -31.86
CA SER A 288 10.35 -30.15 -32.27
C SER A 288 11.45 -31.19 -32.17
N GLU A 289 12.71 -30.76 -32.12
CA GLU A 289 13.83 -31.68 -31.94
C GLU A 289 14.09 -32.00 -30.47
N VAL A 290 13.62 -31.16 -29.55
CA VAL A 290 13.92 -31.33 -28.13
C VAL A 290 12.80 -32.09 -27.43
N ARG A 291 11.55 -31.83 -27.79
CA ARG A 291 10.44 -32.40 -27.06
C ARG A 291 10.34 -33.90 -27.35
N PRO A 292 9.77 -34.68 -26.43
CA PRO A 292 9.44 -36.07 -26.74
C PRO A 292 8.16 -36.15 -27.55
N ALA A 293 7.94 -37.32 -28.15
CA ALA A 293 6.70 -37.54 -28.88
C ALA A 293 5.49 -37.31 -27.98
N SER A 294 5.58 -37.71 -26.72
CA SER A 294 4.47 -37.59 -25.77
C SER A 294 5.01 -37.19 -24.41
N TYR A 295 4.58 -36.01 -23.93
CA TYR A 295 4.97 -35.58 -22.59
C TYR A 295 4.32 -36.43 -21.51
N PRO A 296 3.02 -36.73 -21.55
CA PRO A 296 2.44 -37.58 -20.50
C PRO A 296 3.14 -38.92 -20.32
N ALA A 297 3.83 -39.42 -21.35
CA ALA A 297 4.55 -40.67 -21.23
C ALA A 297 5.78 -40.56 -20.35
N LEU A 298 6.23 -39.35 -20.02
CA LEU A 298 7.39 -39.18 -19.17
C LEU A 298 7.12 -39.54 -17.72
N ALA A 299 5.85 -39.59 -17.31
CA ALA A 299 5.54 -39.97 -15.94
C ALA A 299 6.04 -41.37 -15.64
N ALA A 300 6.50 -41.58 -14.42
CA ALA A 300 7.03 -42.88 -14.01
C ALA A 300 6.98 -42.97 -12.49
N GLY A 301 7.16 -44.19 -12.00
CA GLY A 301 7.22 -44.45 -10.57
C GLY A 301 8.64 -44.41 -10.05
N ALA A 302 8.81 -44.92 -8.83
CA ALA A 302 10.12 -44.89 -8.18
C ALA A 302 11.17 -45.65 -8.96
N GLU A 303 10.77 -46.58 -9.83
CA GLU A 303 11.75 -47.36 -10.59
C GLU A 303 12.66 -46.45 -11.41
N ALA A 304 12.17 -45.28 -11.81
CA ALA A 304 12.98 -44.36 -12.60
C ALA A 304 14.07 -43.67 -11.79
N LEU A 305 14.10 -43.86 -10.47
CA LEU A 305 15.12 -43.30 -9.62
C LEU A 305 16.21 -44.31 -9.26
N ALA A 306 15.97 -45.60 -9.49
CA ALA A 306 16.92 -46.63 -9.09
C ALA A 306 18.21 -46.53 -9.90
N GLY A 307 19.34 -46.54 -9.20
CA GLY A 307 20.64 -46.49 -9.86
C GLY A 307 21.08 -45.12 -10.28
N LYS A 308 20.33 -44.08 -9.98
CA LYS A 308 20.65 -42.72 -10.37
C LYS A 308 21.51 -42.04 -9.30
N ARG A 309 22.27 -41.04 -9.74
CA ARG A 309 23.15 -40.27 -8.87
C ARG A 309 22.71 -38.81 -8.92
N PHE A 310 22.33 -38.28 -7.76
CA PHE A 310 21.90 -36.88 -7.63
C PHE A 310 22.82 -36.17 -6.65
N GLY A 311 23.30 -34.99 -7.04
CA GLY A 311 24.13 -34.17 -6.18
C GLY A 311 23.34 -33.02 -5.57
N VAL A 312 23.49 -32.83 -4.27
CA VAL A 312 22.86 -31.72 -3.55
C VAL A 312 23.97 -30.74 -3.15
N PRO A 313 23.88 -29.47 -3.55
CA PRO A 313 24.91 -28.51 -3.13
C PRO A 313 24.86 -28.24 -1.64
N ARG A 314 26.01 -28.43 -0.98
CA ARG A 314 26.11 -28.13 0.45
C ARG A 314 25.59 -26.75 0.80
N MET A 315 25.77 -25.78 -0.11
CA MET A 315 25.43 -24.39 0.19
C MET A 315 23.94 -24.18 0.43
N PHE A 316 23.10 -25.15 0.03
CA PHE A 316 21.65 -25.03 0.17
C PHE A 316 21.10 -25.94 1.26
N ILE A 317 21.95 -26.58 2.06
CA ILE A 317 21.48 -27.42 3.15
C ILE A 317 22.33 -27.17 4.40
N ASN A 318 22.82 -25.94 4.57
CA ASN A 318 23.53 -25.52 5.77
C ASN A 318 24.77 -26.39 6.01
N ALA A 319 25.50 -26.72 4.94
CA ALA A 319 26.67 -27.60 5.05
C ALA A 319 27.91 -27.01 4.40
N ASP A 320 27.94 -25.70 4.17
CA ASP A 320 29.04 -25.05 3.45
C ASP A 320 29.58 -23.88 4.26
N PRO A 321 30.41 -24.14 5.28
CA PRO A 321 30.99 -23.02 6.05
C PRO A 321 31.87 -22.11 5.21
N ASP A 322 32.35 -22.56 4.05
CA ASP A 322 33.23 -21.75 3.23
C ASP A 322 32.49 -20.67 2.45
N ALA A 323 31.17 -20.77 2.30
CA ALA A 323 30.44 -19.78 1.55
C ALA A 323 30.56 -18.42 2.22
N GLY A 324 30.92 -17.41 1.43
CA GLY A 324 31.05 -16.06 1.95
C GLY A 324 32.36 -15.75 2.63
N THR A 325 33.41 -16.55 2.38
CA THR A 325 34.68 -16.39 3.06
C THR A 325 35.74 -15.70 2.22
N SER A 326 35.40 -15.22 1.02
CA SER A 326 36.33 -14.41 0.26
C SER A 326 36.42 -13.01 0.87
N GLU A 327 37.28 -12.17 0.31
CA GLU A 327 37.52 -10.85 0.89
C GLU A 327 36.32 -9.94 0.69
N SER A 328 35.76 -9.90 -0.52
CA SER A 328 34.58 -9.11 -0.83
C SER A 328 33.66 -9.93 -1.73
N PRO A 329 32.89 -10.85 -1.14
CA PRO A 329 32.09 -11.77 -1.97
C PRO A 329 30.92 -11.08 -2.64
N GLY A 330 30.49 -11.68 -3.74
CA GLY A 330 29.24 -11.33 -4.39
C GLY A 330 29.42 -10.41 -5.58
N ILE A 331 28.29 -10.14 -6.23
CA ILE A 331 28.22 -9.23 -7.37
C ILE A 331 27.09 -8.23 -7.14
N GLY A 332 26.81 -7.95 -5.86
CA GLY A 332 25.73 -7.04 -5.51
C GLY A 332 24.66 -7.70 -4.66
N GLY A 333 23.92 -6.90 -3.90
CA GLY A 333 22.92 -7.43 -3.01
C GLY A 333 23.52 -8.39 -2.01
N PRO A 334 22.77 -9.41 -1.61
CA PRO A 334 23.29 -10.43 -0.69
C PRO A 334 24.00 -11.60 -1.34
N THR A 335 24.33 -11.52 -2.63
CA THR A 335 24.93 -12.64 -3.33
C THR A 335 26.31 -12.96 -2.74
N GLY A 336 26.73 -14.21 -2.91
CA GLY A 336 28.00 -14.67 -2.40
C GLY A 336 28.07 -14.87 -0.91
N GLN A 337 26.98 -14.66 -0.19
CA GLN A 337 26.95 -14.79 1.26
C GLN A 337 26.40 -16.15 1.67
N ARG A 338 26.85 -16.61 2.84
CA ARG A 338 26.39 -17.89 3.37
C ARG A 338 24.88 -17.87 3.56
N ILE A 339 24.23 -18.97 3.15
CA ILE A 339 22.78 -19.08 3.18
C ILE A 339 22.37 -19.78 4.46
N HIS A 340 21.43 -19.19 5.19
CA HIS A 340 20.93 -19.74 6.45
C HIS A 340 19.56 -20.35 6.18
N THR A 341 19.53 -21.66 5.96
CA THR A 341 18.30 -22.36 5.62
C THR A 341 17.50 -22.67 6.88
N ARG A 342 16.19 -22.45 6.78
CA ARG A 342 15.31 -22.62 7.92
C ARG A 342 15.35 -24.07 8.41
N PRO A 343 15.40 -24.30 9.72
CA PRO A 343 15.44 -25.70 10.21
C PRO A 343 14.32 -26.58 9.71
N SER A 344 13.08 -26.06 9.63
CA SER A 344 11.98 -26.88 9.14
C SER A 344 12.12 -27.21 7.66
N VAL A 345 12.85 -26.40 6.91
CA VAL A 345 13.14 -26.74 5.53
C VAL A 345 14.20 -27.84 5.47
N ILE A 346 15.19 -27.79 6.37
CA ILE A 346 16.18 -28.86 6.44
C ILE A 346 15.49 -30.19 6.77
N ALA A 347 14.51 -30.16 7.67
CA ALA A 347 13.82 -31.39 8.05
C ALA A 347 13.08 -31.99 6.86
N LEU A 348 12.49 -31.15 6.02
CA LEU A 348 11.84 -31.66 4.82
C LEU A 348 12.85 -32.19 3.82
N TRP A 349 14.02 -31.54 3.70
CA TRP A 349 15.06 -32.04 2.81
C TRP A 349 15.52 -33.44 3.22
N GLU A 350 15.69 -33.67 4.53
CA GLU A 350 16.16 -34.96 5.00
C GLU A 350 15.17 -36.07 4.65
N GLN A 351 13.87 -35.78 4.73
CA GLN A 351 12.87 -36.77 4.33
C GLN A 351 12.88 -36.99 2.83
N ALA A 352 13.08 -35.94 2.04
CA ALA A 352 13.19 -36.11 0.59
C ALA A 352 14.39 -36.99 0.25
N ARG A 353 15.52 -36.75 0.90
CA ARG A 353 16.70 -37.58 0.66
C ARG A 353 16.42 -39.04 0.97
N LYS A 354 15.79 -39.29 2.12
CA LYS A 354 15.44 -40.67 2.47
C LYS A 354 14.55 -41.31 1.42
N ALA A 355 13.56 -40.56 0.91
CA ALA A 355 12.66 -41.13 -0.09
C ALA A 355 13.43 -41.48 -1.37
N LEU A 356 14.31 -40.58 -1.81
CA LEU A 356 15.13 -40.88 -2.99
C LEU A 356 16.02 -42.09 -2.75
N GLU A 357 16.65 -42.17 -1.58
CA GLU A 357 17.51 -43.32 -1.28
C GLU A 357 16.70 -44.59 -1.15
N ALA A 358 15.49 -44.51 -0.57
CA ALA A 358 14.65 -45.69 -0.47
C ALA A 358 14.25 -46.21 -1.85
N ALA A 359 14.23 -45.33 -2.84
CA ALA A 359 13.89 -45.71 -4.22
C ALA A 359 15.10 -46.20 -5.00
N GLY A 360 16.27 -46.28 -4.38
CA GLY A 360 17.44 -46.82 -5.03
C GLY A 360 18.41 -45.80 -5.61
N ALA A 361 18.26 -44.53 -5.27
CA ALA A 361 19.13 -43.49 -5.80
C ALA A 361 20.26 -43.18 -4.82
N GLU A 362 21.29 -42.54 -5.34
CA GLU A 362 22.44 -42.10 -4.55
C GLU A 362 22.43 -40.58 -4.51
N VAL A 363 22.45 -40.00 -3.31
CA VAL A 363 22.47 -38.55 -3.12
C VAL A 363 23.81 -38.17 -2.53
N ILE A 364 24.54 -37.30 -3.24
CA ILE A 364 25.91 -36.92 -2.88
C ILE A 364 25.95 -35.41 -2.64
N GLU A 365 26.52 -35.02 -1.50
CA GLU A 365 26.77 -33.61 -1.21
C GLU A 365 27.99 -33.13 -2.00
N VAL A 366 27.84 -32.00 -2.69
CA VAL A 366 28.82 -31.53 -3.66
C VAL A 366 28.95 -30.01 -3.55
N ASP A 367 29.98 -29.49 -4.23
CA ASP A 367 30.10 -28.06 -4.48
C ASP A 367 29.02 -27.64 -5.48
N PHE A 368 29.07 -26.38 -5.93
CA PHE A 368 28.20 -25.91 -7.01
C PHE A 368 28.92 -24.80 -7.75
N PRO A 369 29.87 -25.16 -8.62
CA PRO A 369 30.63 -24.12 -9.34
C PRO A 369 29.75 -23.14 -10.08
N LEU A 370 28.59 -23.57 -10.57
CA LEU A 370 27.73 -22.67 -11.34
C LEU A 370 27.48 -21.38 -10.58
N VAL A 371 27.21 -21.47 -9.29
CA VAL A 371 26.95 -20.29 -8.47
C VAL A 371 28.24 -19.70 -7.90
N SER A 372 29.16 -20.54 -7.41
CA SER A 372 30.35 -20.01 -6.75
C SER A 372 31.21 -19.20 -7.71
N ASN A 373 31.27 -19.59 -8.97
CA ASN A 373 32.09 -18.90 -9.95
C ASN A 373 31.37 -17.72 -10.60
N CYS A 374 30.07 -17.57 -10.35
CA CYS A 374 29.34 -16.37 -10.74
C CYS A 374 29.45 -15.28 -9.69
N GLU A 375 29.46 -15.65 -8.41
CA GLU A 375 29.38 -14.71 -7.30
C GLU A 375 30.68 -14.57 -6.52
N GLY A 376 31.71 -15.35 -6.84
CA GLY A 376 32.98 -15.24 -6.14
C GLY A 376 32.85 -15.34 -4.63
N ASP A 377 32.29 -16.44 -4.15
CA ASP A 377 31.90 -16.56 -2.75
C ASP A 377 32.98 -17.14 -1.85
N ARG A 378 34.15 -17.52 -2.40
CA ARG A 378 35.20 -18.10 -1.59
C ARG A 378 36.55 -17.80 -2.22
N PRO A 379 37.64 -17.95 -1.47
CA PRO A 379 38.96 -17.56 -2.00
C PRO A 379 39.29 -18.29 -3.29
N GLY A 380 39.78 -17.53 -4.27
CA GLY A 380 40.13 -18.06 -5.57
C GLY A 380 38.99 -18.14 -6.58
N ALA A 381 37.75 -18.13 -6.13
CA ALA A 381 36.63 -18.25 -7.06
C ALA A 381 36.48 -16.95 -7.85
N PRO A 382 36.29 -17.01 -9.17
CA PRO A 382 36.02 -15.79 -9.93
C PRO A 382 34.55 -15.38 -9.82
N THR A 383 34.27 -14.19 -10.35
CA THR A 383 32.90 -13.73 -10.58
C THR A 383 32.66 -13.63 -12.08
N VAL A 384 31.39 -13.49 -12.45
CA VAL A 384 31.07 -13.32 -13.87
C VAL A 384 31.71 -12.04 -14.41
N PHE A 385 31.95 -11.06 -13.54
CA PHE A 385 32.49 -9.77 -13.98
C PHE A 385 34.00 -9.79 -14.19
N ASN A 386 34.74 -10.68 -13.54
CA ASN A 386 36.19 -10.69 -13.64
C ASN A 386 36.75 -11.96 -14.24
N ARG A 387 35.91 -12.91 -14.64
CA ARG A 387 36.40 -14.19 -15.15
C ARG A 387 36.90 -14.10 -16.58
N GLY A 388 36.29 -13.24 -17.40
CA GLY A 388 36.72 -13.06 -18.77
C GLY A 388 35.98 -13.89 -19.80
N LEU A 389 35.08 -14.79 -19.38
CA LEU A 389 34.30 -15.54 -20.35
C LEU A 389 33.27 -14.67 -21.04
N VAL A 390 32.68 -13.71 -20.31
CA VAL A 390 31.90 -12.64 -20.89
C VAL A 390 32.50 -11.32 -20.44
N SER A 391 32.35 -10.30 -21.27
CA SER A 391 32.98 -9.01 -21.03
C SER A 391 32.09 -8.12 -20.16
N LYS A 392 32.74 -7.24 -19.39
CA LYS A 392 31.99 -6.26 -18.61
C LYS A 392 31.06 -5.45 -19.50
N GLU A 393 31.53 -5.10 -20.71
CA GLU A 393 30.72 -4.30 -21.61
C GLU A 393 29.48 -5.06 -22.08
N PHE A 394 29.59 -6.38 -22.27
CA PHE A 394 28.42 -7.16 -22.63
C PHE A 394 27.40 -7.16 -21.50
N LEU A 395 27.86 -7.37 -20.27
CA LEU A 395 26.94 -7.36 -19.14
C LEU A 395 26.24 -6.02 -19.00
N HIS A 396 26.92 -4.93 -19.35
CA HIS A 396 26.30 -3.61 -19.33
C HIS A 396 25.24 -3.48 -20.43
N ASP A 397 25.60 -3.84 -21.66
CA ASP A 397 24.65 -3.78 -22.77
C ASP A 397 23.45 -4.68 -22.53
N GLU A 398 23.68 -5.84 -21.89
CA GLU A 398 22.59 -6.76 -21.59
C GLU A 398 21.53 -6.09 -20.75
N LEU A 399 21.95 -5.33 -19.73
CA LEU A 399 21.05 -4.68 -18.80
C LEU A 399 20.37 -3.47 -19.40
N TRP A 400 21.04 -2.79 -20.34
CA TRP A 400 20.56 -1.50 -20.83
C TRP A 400 20.16 -1.56 -22.31
N GLU A 401 21.15 -1.48 -23.20
CA GLU A 401 20.85 -1.33 -24.62
C GLU A 401 19.97 -2.46 -25.13
N LEU A 402 20.31 -3.71 -24.78
CA LEU A 402 19.54 -4.85 -25.27
C LEU A 402 18.13 -4.86 -24.69
N SER A 403 17.98 -4.45 -23.42
CA SER A 403 16.67 -4.47 -22.81
C SER A 403 15.79 -3.34 -23.34
N ALA A 404 16.40 -2.18 -23.61
CA ALA A 404 15.66 -1.10 -24.27
C ALA A 404 15.14 -1.54 -25.63
N TRP A 405 15.96 -2.25 -26.40
CA TRP A 405 15.49 -2.80 -27.66
C TRP A 405 14.35 -3.77 -27.44
N GLY A 406 14.45 -4.62 -26.41
CA GLY A 406 13.38 -5.56 -26.12
C GLY A 406 12.05 -4.87 -25.90
N PHE A 407 12.04 -3.86 -25.05
CA PHE A 407 10.80 -3.13 -24.77
C PHE A 407 10.25 -2.47 -26.02
N ASP A 408 11.11 -1.75 -26.75
CA ASP A 408 10.65 -0.99 -27.90
C ASP A 408 10.13 -1.90 -29.00
N ASP A 409 10.82 -3.02 -29.25
CA ASP A 409 10.38 -3.92 -30.32
C ASP A 409 9.11 -4.67 -29.94
N PHE A 410 8.91 -4.96 -28.65
CA PHE A 410 7.66 -5.58 -28.22
C PHE A 410 6.49 -4.64 -28.49
N LEU A 411 6.67 -3.35 -28.22
CA LEU A 411 5.60 -2.38 -28.47
C LEU A 411 5.33 -2.25 -29.97
N ARG A 412 6.39 -2.19 -30.78
CA ARG A 412 6.21 -2.09 -32.22
C ARG A 412 5.49 -3.31 -32.77
N ALA A 413 5.89 -4.50 -32.34
CA ALA A 413 5.30 -5.72 -32.86
C ALA A 413 3.83 -5.83 -32.49
N ASN A 414 3.47 -5.43 -31.28
CA ASN A 414 2.07 -5.45 -30.88
C ASN A 414 1.26 -4.46 -31.70
N GLY A 415 1.77 -3.25 -31.86
CA GLY A 415 1.17 -2.29 -32.77
C GLY A 415 -0.12 -1.67 -32.29
N ASP A 416 -0.28 -1.48 -30.99
CA ASP A 416 -1.43 -0.75 -30.47
C ASP A 416 -1.39 0.67 -31.03
N PRO A 417 -2.40 1.12 -31.78
CA PRO A 417 -2.35 2.48 -32.35
C PRO A 417 -2.14 3.57 -31.32
N LYS A 418 -2.57 3.36 -30.07
CA LYS A 418 -2.45 4.38 -29.04
C LYS A 418 -1.07 4.43 -28.40
N LEU A 419 -0.30 3.34 -28.48
CA LEU A 419 1.01 3.31 -27.82
C LEU A 419 1.80 2.14 -28.43
N ASN A 420 2.74 2.47 -29.31
CA ASN A 420 3.50 1.45 -30.03
C ASN A 420 4.97 1.80 -30.17
N ARG A 421 5.50 2.69 -29.33
CA ARG A 421 6.91 3.05 -29.33
C ARG A 421 7.34 3.35 -27.91
N LEU A 422 8.53 2.89 -27.54
CA LEU A 422 9.03 3.10 -26.18
C LEU A 422 9.22 4.59 -25.89
N ALA A 423 9.55 5.39 -26.91
CA ALA A 423 9.81 6.81 -26.71
C ALA A 423 8.55 7.59 -26.34
N ASP A 424 7.37 7.01 -26.52
CA ASP A 424 6.11 7.66 -26.19
C ASP A 424 5.59 7.27 -24.81
N VAL A 425 6.39 6.55 -24.02
CA VAL A 425 5.96 6.02 -22.73
C VAL A 425 6.23 7.05 -21.64
N ASP A 426 5.39 7.04 -20.61
CA ASP A 426 5.53 7.94 -19.46
C ASP A 426 6.54 7.33 -18.49
N GLY A 427 7.79 7.74 -18.65
CA GLY A 427 8.91 7.11 -17.98
C GLY A 427 8.75 6.96 -16.48
N PRO A 428 8.48 8.06 -15.78
CA PRO A 428 8.36 7.99 -14.31
C PRO A 428 7.25 7.06 -13.83
N GLN A 429 6.33 6.66 -14.70
CA GLN A 429 5.21 5.79 -14.32
C GLN A 429 5.46 4.33 -14.65
N ILE A 430 6.63 3.98 -15.20
CA ILE A 430 6.92 2.58 -15.50
C ILE A 430 6.98 1.76 -14.23
N PHE A 431 7.71 2.24 -13.22
CA PHE A 431 7.86 1.53 -11.95
C PHE A 431 7.96 2.53 -10.82
N PRO A 432 6.84 3.13 -10.42
CA PRO A 432 6.86 4.07 -9.30
C PRO A 432 6.95 3.34 -7.96
N HIS A 433 7.63 4.00 -7.02
CA HIS A 433 7.80 3.43 -5.68
C HIS A 433 6.48 3.51 -4.91
N ASP A 434 6.23 2.48 -4.09
CA ASP A 434 5.01 2.38 -3.30
C ASP A 434 5.16 3.23 -2.03
N PRO A 435 4.50 4.38 -1.94
CA PRO A 435 4.75 5.27 -0.80
C PRO A 435 4.44 4.60 0.53
N GLY A 436 5.31 4.87 1.52
CA GLY A 436 5.18 4.28 2.83
C GLY A 436 5.91 2.97 3.01
N THR A 437 6.49 2.40 1.96
CA THR A 437 7.25 1.17 2.08
C THR A 437 8.75 1.46 2.07
N LEU A 438 9.53 0.49 2.51
CA LEU A 438 10.96 0.66 2.65
C LEU A 438 11.64 0.70 1.28
N PRO A 439 12.85 1.24 1.20
CA PRO A 439 13.49 1.42 -0.11
C PRO A 439 13.87 0.10 -0.75
N ASN A 440 13.90 0.10 -2.08
CA ASN A 440 14.40 -1.04 -2.84
C ASN A 440 15.92 -1.14 -2.67
N ARG A 441 16.38 -2.28 -2.14
CA ARG A 441 17.80 -2.43 -1.85
C ARG A 441 18.64 -2.65 -3.11
N GLU A 442 18.01 -2.85 -4.26
CA GLU A 442 18.73 -2.93 -5.53
C GLU A 442 18.97 -1.57 -6.17
N GLY A 443 18.51 -0.48 -5.54
CA GLY A 443 18.71 0.86 -6.03
C GLY A 443 17.40 1.56 -6.29
N ASP A 444 17.49 2.70 -6.98
CA ASP A 444 16.32 3.51 -7.33
C ASP A 444 15.78 2.99 -8.66
N LEU A 445 14.74 2.16 -8.59
CA LEU A 445 14.20 1.53 -9.79
C LEU A 445 13.20 2.40 -10.54
N ALA A 446 12.64 3.41 -9.89
CA ALA A 446 11.79 4.35 -10.62
C ALA A 446 12.60 5.16 -11.62
N ALA A 447 13.74 5.70 -11.17
CA ALA A 447 14.64 6.38 -12.09
C ALA A 447 15.30 5.39 -13.04
N GLY A 448 15.63 4.20 -12.54
CA GLY A 448 16.24 3.20 -13.40
C GLY A 448 15.41 2.90 -14.63
N MET A 449 14.10 2.70 -14.45
CA MET A 449 13.25 2.35 -15.58
C MET A 449 12.98 3.56 -16.47
N ASP A 450 12.85 4.74 -15.87
CA ASP A 450 12.67 5.96 -16.65
C ASP A 450 13.81 6.14 -17.65
N GLU A 451 15.00 5.64 -17.33
CA GLU A 451 16.14 5.80 -18.23
C GLU A 451 15.89 5.13 -19.58
N TYR A 452 15.11 4.05 -19.60
CA TYR A 452 14.84 3.37 -20.87
C TYR A 452 14.11 4.27 -21.85
N VAL A 453 13.23 5.14 -21.36
CA VAL A 453 12.57 6.10 -22.25
C VAL A 453 13.56 7.11 -22.77
N ARG A 454 14.44 7.62 -21.90
CA ARG A 454 15.48 8.54 -22.35
C ARG A 454 16.33 7.90 -23.44
N MET A 455 16.58 6.59 -23.32
CA MET A 455 17.35 5.88 -24.33
C MET A 455 16.60 5.82 -25.65
N ALA A 456 15.31 5.48 -25.60
CA ALA A 456 14.50 5.44 -26.81
C ALA A 456 14.51 6.79 -27.52
N GLU A 457 14.48 7.88 -26.75
CA GLU A 457 14.48 9.21 -27.34
C GLU A 457 15.80 9.53 -28.02
N ARG A 458 16.90 8.91 -27.59
CA ARG A 458 18.18 9.10 -28.25
C ARG A 458 18.39 8.16 -29.43
N GLY A 459 17.58 7.11 -29.54
CA GLY A 459 17.75 6.11 -30.58
C GLY A 459 18.35 4.82 -30.04
N ILE A 460 17.71 3.70 -30.35
CA ILE A 460 18.08 2.39 -29.83
C ILE A 460 18.66 1.56 -30.96
N LYS A 461 19.87 1.03 -30.76
CA LYS A 461 20.43 0.10 -31.74
C LYS A 461 19.66 -1.22 -31.68
N PRO A 462 19.29 -1.81 -32.82
CA PRO A 462 18.67 -3.13 -32.80
C PRO A 462 19.64 -4.19 -32.29
N TRP A 463 19.07 -5.35 -31.93
CA TRP A 463 19.86 -6.40 -31.31
C TRP A 463 21.02 -6.84 -32.19
N ASP A 464 20.79 -6.95 -33.50
CA ASP A 464 21.81 -7.47 -34.40
C ASP A 464 22.87 -6.43 -34.75
N ARG A 465 22.82 -5.25 -34.14
CA ARG A 465 23.88 -4.24 -34.31
C ARG A 465 24.58 -3.93 -32.99
N ILE A 466 24.27 -4.65 -31.92
CA ILE A 466 24.98 -4.50 -30.65
C ILE A 466 26.26 -5.32 -30.73
N ALA A 467 27.41 -4.63 -30.63
CA ALA A 467 28.69 -5.24 -30.99
C ALA A 467 29.08 -6.36 -30.03
N THR A 468 28.76 -6.21 -28.75
CA THR A 468 29.19 -7.18 -27.75
C THR A 468 28.36 -8.45 -27.75
N LEU A 469 27.27 -8.50 -28.52
CA LEU A 469 26.34 -9.62 -28.39
C LEU A 469 26.96 -10.94 -28.84
N PRO A 470 27.61 -11.04 -30.00
CA PRO A 470 28.13 -12.36 -30.43
C PRO A 470 29.01 -13.04 -29.40
N ASP A 471 30.03 -12.34 -28.89
CA ASP A 471 30.91 -12.93 -27.89
C ASP A 471 30.19 -13.20 -26.58
N GLY A 472 29.20 -12.39 -26.25
CA GLY A 472 28.48 -12.57 -24.99
C GLY A 472 27.66 -13.85 -24.97
N LEU A 473 26.86 -14.07 -26.01
CA LEU A 473 26.04 -15.28 -26.06
C LEU A 473 26.91 -16.53 -26.06
N ARG A 474 28.00 -16.52 -26.84
CA ARG A 474 28.91 -17.65 -26.84
C ARG A 474 29.59 -17.81 -25.50
N GLY A 475 29.89 -16.70 -24.82
CA GLY A 475 30.51 -16.78 -23.50
C GLY A 475 29.58 -17.38 -22.47
N LEU A 476 28.29 -17.07 -22.54
CA LEU A 476 27.33 -17.65 -21.61
C LEU A 476 27.28 -19.17 -21.77
N GLU A 477 27.18 -19.64 -23.03
CA GLU A 477 27.17 -21.08 -23.27
C GLU A 477 28.48 -21.72 -22.83
N GLU A 478 29.60 -21.03 -23.03
CA GLU A 478 30.89 -21.56 -22.60
C GLU A 478 30.92 -21.72 -21.09
N THR A 479 30.37 -20.75 -20.35
CA THR A 479 30.35 -20.84 -18.89
C THR A 479 29.58 -22.08 -18.43
N ARG A 480 28.44 -22.35 -19.07
CA ARG A 480 27.66 -23.52 -18.66
C ARG A 480 28.39 -24.81 -18.98
N ARG A 481 29.11 -24.84 -20.11
CA ARG A 481 29.84 -26.06 -20.48
C ARG A 481 30.90 -26.39 -19.43
N ILE A 482 31.63 -25.39 -18.97
CA ILE A 482 32.72 -25.62 -18.03
C ILE A 482 32.18 -25.91 -16.64
N ASP A 483 31.25 -25.07 -16.15
CA ASP A 483 30.86 -25.11 -14.76
C ASP A 483 29.78 -26.14 -14.46
N LEU A 484 29.04 -26.59 -15.47
CA LEU A 484 27.91 -27.51 -15.23
C LEU A 484 28.01 -28.80 -16.03
N GLU A 485 28.17 -28.72 -17.35
CA GLU A 485 28.02 -29.92 -18.17
C GLU A 485 29.23 -30.85 -18.04
N GLU A 486 30.44 -30.32 -18.18
CA GLU A 486 31.62 -31.14 -17.96
C GLU A 486 31.76 -31.53 -16.49
N TRP A 487 31.30 -30.67 -15.59
CA TRP A 487 31.36 -30.97 -14.16
C TRP A 487 30.45 -32.15 -13.82
N MET A 488 29.23 -32.15 -14.35
CA MET A 488 28.32 -33.27 -14.09
C MET A 488 28.84 -34.57 -14.71
N ARG A 489 29.56 -34.48 -15.83
CA ARG A 489 30.10 -35.69 -16.45
C ARG A 489 31.12 -36.37 -15.54
N ARG A 490 32.10 -35.60 -15.04
CA ARG A 490 33.14 -36.20 -14.21
C ARG A 490 32.59 -36.68 -12.88
N LEU A 491 31.55 -36.03 -12.35
CA LEU A 491 30.91 -36.54 -11.15
C LEU A 491 29.91 -37.65 -11.45
N ARG A 492 29.62 -37.90 -12.72
CA ARG A 492 28.64 -38.91 -13.13
C ARG A 492 27.28 -38.63 -12.49
N LEU A 493 26.87 -37.37 -12.48
CA LEU A 493 25.58 -36.99 -11.92
C LEU A 493 24.51 -37.03 -12.99
N ASP A 494 23.33 -37.52 -12.61
CA ASP A 494 22.16 -37.46 -13.47
C ASP A 494 21.39 -36.14 -13.32
N ALA A 495 21.46 -35.52 -12.14
CA ALA A 495 20.82 -34.22 -11.93
C ALA A 495 21.36 -33.62 -10.65
N VAL A 496 21.12 -32.32 -10.51
CA VAL A 496 21.42 -31.56 -9.30
C VAL A 496 20.08 -31.16 -8.68
N LEU A 497 19.98 -31.25 -7.37
CA LEU A 497 18.73 -30.93 -6.69
C LEU A 497 18.99 -30.24 -5.37
N PHE A 498 18.02 -29.46 -4.92
CA PHE A 498 18.16 -28.65 -3.72
C PHE A 498 16.80 -28.04 -3.38
N PRO A 499 16.60 -27.66 -2.12
CA PRO A 499 15.42 -26.86 -1.79
C PRO A 499 15.36 -25.64 -2.69
N THR A 500 14.15 -25.34 -3.19
CA THR A 500 14.01 -24.25 -4.14
C THR A 500 14.37 -22.91 -3.50
N VAL A 501 14.06 -22.74 -2.22
CA VAL A 501 14.37 -21.53 -1.48
C VAL A 501 14.78 -21.92 -0.07
N ALA A 502 15.54 -21.04 0.58
CA ALA A 502 16.07 -21.32 1.91
C ALA A 502 15.10 -20.95 3.03
N ASP A 503 14.20 -20.01 2.77
CA ASP A 503 13.26 -19.49 3.77
C ASP A 503 12.24 -18.64 3.01
N VAL A 504 11.26 -18.12 3.75
CA VAL A 504 10.22 -17.26 3.17
C VAL A 504 10.13 -15.98 3.98
N GLY A 505 9.98 -14.85 3.29
CA GLY A 505 9.90 -13.57 3.94
C GLY A 505 8.53 -13.31 4.55
N PRO A 506 8.48 -12.62 5.68
CA PRO A 506 7.18 -12.23 6.25
C PRO A 506 6.43 -11.28 5.32
N ALA A 507 5.10 -11.31 5.44
CA ALA A 507 4.25 -10.54 4.53
C ALA A 507 4.43 -9.04 4.70
N ASP A 508 4.87 -8.57 5.87
CA ASP A 508 5.10 -7.15 6.09
C ASP A 508 6.54 -6.74 5.82
N ALA A 509 7.28 -7.51 5.01
CA ALA A 509 8.64 -7.14 4.65
C ALA A 509 8.70 -5.82 3.90
N ASP A 510 7.57 -5.28 3.46
CA ASP A 510 7.57 -4.01 2.76
C ASP A 510 7.62 -2.81 3.70
N VAL A 511 7.28 -2.99 4.99
CA VAL A 511 7.20 -1.86 5.91
C VAL A 511 7.90 -2.15 7.24
N ASN A 512 8.26 -3.40 7.48
CA ASN A 512 8.83 -3.77 8.77
C ASN A 512 10.33 -4.04 8.63
N PRO A 513 11.20 -3.22 9.22
CA PRO A 513 12.65 -3.41 9.02
C PRO A 513 13.17 -4.81 9.34
N ALA A 514 12.76 -5.40 10.47
CA ALA A 514 13.22 -6.74 10.81
C ALA A 514 12.78 -7.75 9.76
N SER A 515 11.56 -7.62 9.25
CA SER A 515 11.08 -8.54 8.21
C SER A 515 11.84 -8.32 6.91
N ALA A 516 12.16 -7.06 6.58
CA ALA A 516 12.87 -6.80 5.33
C ALA A 516 14.27 -7.43 5.36
N ASP A 517 14.92 -7.44 6.52
CA ASP A 517 16.25 -8.03 6.62
C ASP A 517 16.22 -9.50 6.21
N ILE A 518 15.23 -10.26 6.71
CA ILE A 518 15.08 -11.66 6.30
C ILE A 518 14.74 -11.75 4.82
N ALA A 519 13.74 -10.98 4.38
CA ALA A 519 13.24 -11.10 3.01
C ALA A 519 14.32 -10.76 1.99
N TRP A 520 15.31 -9.95 2.37
CA TRP A 520 16.35 -9.53 1.44
C TRP A 520 17.65 -10.29 1.61
N SER A 521 17.67 -11.38 2.38
CA SER A 521 18.88 -12.15 2.60
C SER A 521 19.04 -13.23 1.53
N ASN A 522 20.28 -13.71 1.38
CA ASN A 522 20.58 -14.69 0.36
C ASN A 522 19.80 -15.98 0.60
N GLY A 523 19.31 -16.58 -0.47
CA GLY A 523 18.44 -17.73 -0.38
C GLY A 523 16.97 -17.40 -0.14
N VAL A 524 16.64 -16.15 0.18
CA VAL A 524 15.28 -15.75 0.49
C VAL A 524 14.76 -14.67 -0.45
N TRP A 525 15.60 -13.68 -0.75
CA TRP A 525 15.20 -12.61 -1.67
C TRP A 525 14.95 -13.14 -3.07
N VAL A 526 15.62 -14.25 -3.41
CA VAL A 526 15.58 -14.87 -4.73
C VAL A 526 15.75 -16.37 -4.52
N ALA A 527 15.12 -17.17 -5.36
CA ALA A 527 15.26 -18.61 -5.23
C ALA A 527 16.73 -19.03 -5.33
N ASN A 528 17.05 -20.15 -4.70
CA ASN A 528 18.43 -20.64 -4.69
C ASN A 528 18.97 -20.75 -6.10
N GLY A 529 20.15 -20.18 -6.32
CA GLY A 529 20.77 -20.09 -7.62
C GLY A 529 20.95 -18.66 -8.11
N ASN A 530 20.23 -17.70 -7.53
CA ASN A 530 20.33 -16.28 -7.88
C ASN A 530 20.25 -16.13 -9.40
N LEU A 531 21.19 -15.44 -10.05
CA LEU A 531 21.09 -15.14 -11.47
C LEU A 531 21.67 -16.22 -12.36
N ALA A 532 22.51 -17.11 -11.82
CA ALA A 532 23.28 -18.02 -12.68
C ALA A 532 22.37 -18.98 -13.43
N ILE A 533 21.29 -19.45 -12.80
CA ILE A 533 20.44 -20.47 -13.41
C ILE A 533 19.94 -19.99 -14.78
N ARG A 534 19.26 -18.83 -14.79
CA ARG A 534 18.66 -18.35 -16.02
C ARG A 534 19.69 -17.72 -16.95
N HIS A 535 20.71 -17.08 -16.39
CA HIS A 535 21.75 -16.47 -17.23
C HIS A 535 22.42 -17.52 -18.10
N LEU A 536 22.55 -18.74 -17.61
CA LEU A 536 23.27 -19.79 -18.32
C LEU A 536 22.34 -20.80 -18.98
N GLY A 537 21.04 -20.58 -18.94
CA GLY A 537 20.09 -21.44 -19.65
C GLY A 537 19.98 -22.83 -19.09
N VAL A 538 19.91 -22.97 -17.77
CA VAL A 538 19.86 -24.27 -17.11
C VAL A 538 18.41 -24.70 -16.99
N PRO A 539 18.02 -25.86 -17.53
CA PRO A 539 16.64 -26.32 -17.36
C PRO A 539 16.40 -26.81 -15.93
N THR A 540 15.20 -26.57 -15.42
CA THR A 540 14.85 -27.01 -14.08
C THR A 540 13.40 -27.48 -14.05
N VAL A 541 13.12 -28.33 -13.07
CA VAL A 541 11.76 -28.76 -12.75
C VAL A 541 11.61 -28.70 -11.24
N THR A 542 10.54 -28.07 -10.77
CA THR A 542 10.29 -27.90 -9.35
C THR A 542 9.01 -28.64 -8.97
N VAL A 543 9.06 -29.32 -7.82
CA VAL A 543 7.90 -30.04 -7.29
C VAL A 543 7.82 -29.79 -5.79
N PRO A 544 6.67 -30.08 -5.19
CA PRO A 544 6.53 -29.84 -3.74
C PRO A 544 7.39 -30.80 -2.93
N MET A 545 8.14 -30.23 -1.98
CA MET A 545 8.93 -30.99 -1.02
C MET A 545 8.21 -31.19 0.30
N GLY A 546 7.12 -30.46 0.55
CA GLY A 546 6.34 -30.55 1.77
C GLY A 546 5.99 -29.18 2.29
N VAL A 547 5.46 -29.15 3.51
CA VAL A 547 5.01 -27.93 4.16
C VAL A 547 5.74 -27.79 5.49
N MET A 548 6.36 -26.62 5.69
CA MET A 548 7.08 -26.36 6.93
C MET A 548 6.13 -26.47 8.11
N ALA A 549 6.48 -27.31 9.08
CA ALA A 549 5.57 -27.60 10.20
C ALA A 549 5.37 -26.39 11.11
N ASP A 550 6.30 -25.45 11.13
CA ASP A 550 6.23 -24.36 12.10
C ASP A 550 5.34 -23.22 11.62
N ILE A 551 5.31 -22.94 10.32
CA ILE A 551 4.56 -21.80 9.80
C ILE A 551 3.59 -22.19 8.69
N GLY A 552 3.52 -23.47 8.32
CA GLY A 552 2.53 -23.92 7.36
C GLY A 552 2.77 -23.46 5.94
N MET A 553 3.99 -23.06 5.60
CA MET A 553 4.27 -22.59 4.24
C MET A 553 4.91 -23.69 3.41
N PRO A 554 4.47 -23.93 2.18
CA PRO A 554 5.13 -24.93 1.33
C PRO A 554 6.56 -24.52 0.96
N VAL A 555 7.33 -25.54 0.58
CA VAL A 555 8.65 -25.35 0.00
C VAL A 555 8.87 -26.45 -1.03
N GLY A 556 9.50 -26.10 -2.15
CA GLY A 556 9.70 -27.01 -3.24
C GLY A 556 11.09 -27.65 -3.27
N LEU A 557 11.21 -28.67 -4.13
CA LEU A 557 12.47 -29.29 -4.47
C LEU A 557 12.70 -29.07 -5.96
N THR A 558 13.88 -28.58 -6.32
CA THR A 558 14.21 -28.24 -7.69
C THR A 558 15.21 -29.25 -8.23
N PHE A 559 14.91 -29.82 -9.40
CA PHE A 559 15.85 -30.64 -10.17
C PHE A 559 16.42 -29.80 -11.31
N ALA A 560 17.74 -29.81 -11.46
CA ALA A 560 18.40 -29.10 -12.55
C ALA A 560 19.39 -30.04 -13.22
N GLY A 561 19.68 -29.75 -14.50
CA GLY A 561 20.53 -30.64 -15.25
C GLY A 561 21.09 -29.98 -16.49
N ARG A 562 21.74 -30.81 -17.31
CA ARG A 562 22.37 -30.35 -18.54
C ARG A 562 21.34 -29.71 -19.46
N ALA A 563 21.78 -28.75 -20.26
CA ALA A 563 20.91 -28.15 -21.26
C ALA A 563 20.37 -29.22 -22.19
N TYR A 564 19.06 -29.18 -22.41
CA TYR A 564 18.34 -30.06 -23.32
C TYR A 564 18.20 -31.48 -22.78
N ASP A 565 18.46 -31.69 -21.49
CA ASP A 565 18.10 -32.92 -20.80
C ASP A 565 16.73 -32.80 -20.14
N ASP A 566 15.87 -31.93 -20.67
CA ASP A 566 14.61 -31.59 -20.02
C ASP A 566 13.74 -32.83 -19.77
N SER A 567 13.72 -33.77 -20.72
CA SER A 567 12.85 -34.93 -20.58
C SER A 567 13.20 -35.75 -19.35
N ALA A 568 14.49 -36.04 -19.15
CA ALA A 568 14.90 -36.82 -17.99
C ALA A 568 14.56 -36.11 -16.69
N LEU A 569 14.73 -34.78 -16.66
CA LEU A 569 14.42 -34.03 -15.45
C LEU A 569 12.92 -34.08 -15.15
N LEU A 570 12.09 -33.98 -16.20
CA LEU A 570 10.65 -34.10 -15.98
C LEU A 570 10.30 -35.47 -15.41
N ARG A 571 10.98 -36.52 -15.88
CA ARG A 571 10.70 -37.87 -15.39
C ARG A 571 11.14 -38.04 -13.95
N PHE A 572 12.33 -37.52 -13.60
CA PHE A 572 12.78 -37.58 -12.22
C PHE A 572 11.79 -36.90 -11.29
N ALA A 573 11.33 -35.71 -11.68
CA ALA A 573 10.36 -34.98 -10.87
C ALA A 573 9.08 -35.80 -10.70
N ALA A 574 8.56 -36.35 -11.79
CA ALA A 574 7.35 -37.18 -11.69
C ALA A 574 7.59 -38.37 -10.77
N ALA A 575 8.76 -39.01 -10.89
CA ALA A 575 9.04 -40.17 -10.06
C ALA A 575 9.11 -39.79 -8.58
N PHE A 576 9.78 -38.69 -8.27
CA PHE A 576 9.83 -38.25 -6.88
C PHE A 576 8.43 -37.95 -6.36
N GLU A 577 7.62 -37.23 -7.14
CA GLU A 577 6.26 -36.91 -6.71
C GLU A 577 5.48 -38.16 -6.34
N SER A 578 5.69 -39.25 -7.08
CA SER A 578 4.92 -40.47 -6.85
C SER A 578 5.25 -41.13 -5.50
N THR A 579 6.41 -40.86 -4.92
CA THR A 579 6.79 -41.49 -3.66
C THR A 579 6.08 -40.91 -2.44
N GLY A 580 5.21 -39.92 -2.61
CA GLY A 580 4.51 -39.37 -1.46
C GLY A 580 3.39 -38.45 -1.89
N SER A 581 2.77 -37.83 -0.90
CA SER A 581 1.69 -36.85 -1.09
C SER A 581 2.08 -35.60 -0.33
N ARG A 582 2.87 -34.74 -0.97
CA ARG A 582 3.49 -33.61 -0.28
C ARG A 582 2.78 -32.29 -0.51
N ARG A 583 1.69 -32.29 -1.26
CA ARG A 583 0.90 -31.09 -1.49
C ARG A 583 -0.38 -31.14 -0.65
N ILE A 584 -0.80 -29.99 -0.15
CA ILE A 584 -2.07 -29.87 0.57
C ILE A 584 -2.88 -28.73 -0.03
N VAL A 585 -4.20 -28.84 0.09
CA VAL A 585 -5.08 -27.75 -0.33
C VAL A 585 -4.81 -26.54 0.56
N PRO A 586 -4.75 -25.32 0.03
CA PRO A 586 -4.52 -24.16 0.88
C PRO A 586 -5.65 -24.01 1.89
N PRO A 587 -5.33 -23.87 3.18
CA PRO A 587 -6.41 -23.78 4.18
C PRO A 587 -7.26 -22.53 4.06
N ARG A 588 -6.80 -21.49 3.38
CA ARG A 588 -7.58 -20.26 3.25
C ARG A 588 -8.60 -20.33 2.12
N THR A 589 -8.52 -21.32 1.23
CA THR A 589 -9.41 -21.42 0.08
C THR A 589 -10.01 -22.81 -0.02
N PRO A 590 -10.79 -23.23 0.98
CA PRO A 590 -11.39 -24.57 0.94
C PRO A 590 -12.47 -24.67 -0.12
N PRO A 591 -12.96 -25.86 -0.40
CA PRO A 591 -14.09 -26.01 -1.32
C PRO A 591 -15.30 -25.23 -0.81
N LEU A 592 -16.05 -24.64 -1.74
CA LEU A 592 -17.17 -23.77 -1.40
C LEU A 592 -18.39 -24.58 -0.97
N ALA A 593 -19.12 -24.04 0.00
CA ALA A 593 -20.33 -24.65 0.52
C ALA A 593 -20.00 -25.89 1.34
N ILE B 28 2.41 2.97 37.22
CA ILE B 28 0.96 3.13 37.23
C ILE B 28 0.39 2.82 35.85
N GLU B 29 -0.93 2.68 35.79
CA GLU B 29 -1.63 2.47 34.52
C GLU B 29 -1.91 3.83 33.88
N VAL B 30 -1.71 3.92 32.57
CA VAL B 30 -1.94 5.16 31.83
C VAL B 30 -3.14 5.07 30.89
N THR B 31 -3.69 3.87 30.66
CA THR B 31 -4.82 3.74 29.76
C THR B 31 -6.04 4.47 30.31
N GLU B 32 -6.54 5.45 29.55
CA GLU B 32 -7.77 6.17 29.91
C GLU B 32 -7.58 7.01 31.18
N VAL B 33 -6.38 7.50 31.42
CA VAL B 33 -6.08 8.31 32.59
C VAL B 33 -6.06 9.78 32.20
N SER B 34 -6.60 10.63 33.05
CA SER B 34 -6.71 12.05 32.78
C SER B 34 -5.43 12.78 33.19
N ILE B 35 -5.26 13.99 32.66
CA ILE B 35 -4.09 14.79 32.99
C ILE B 35 -4.03 15.06 34.49
N ALA B 36 -5.18 15.35 35.10
CA ALA B 36 -5.20 15.62 36.53
C ALA B 36 -4.73 14.41 37.32
N GLU B 37 -5.17 13.21 36.93
CA GLU B 37 -4.71 12.00 37.59
C GLU B 37 -3.21 11.83 37.46
N LEU B 38 -2.67 12.11 36.27
CA LEU B 38 -1.23 12.00 36.06
C LEU B 38 -0.48 13.00 36.94
N ARG B 39 -0.91 14.26 36.93
CA ARG B 39 -0.23 15.25 37.74
C ARG B 39 -0.32 14.91 39.22
N ASP B 40 -1.47 14.41 39.67
CA ASP B 40 -1.58 13.97 41.06
C ASP B 40 -0.58 12.87 41.36
N ALA B 41 -0.43 11.91 40.44
CA ALA B 41 0.53 10.84 40.63
C ALA B 41 1.95 11.40 40.69
N LEU B 42 2.26 12.37 39.82
CA LEU B 42 3.60 12.96 39.82
C LEU B 42 3.88 13.68 41.15
N GLU B 43 2.88 14.34 41.70
CA GLU B 43 3.09 15.13 42.91
C GLU B 43 3.18 14.25 44.16
N SER B 44 2.46 13.14 44.18
CA SER B 44 2.45 12.25 45.34
C SER B 44 3.59 11.24 45.31
N GLY B 45 4.41 11.24 44.25
CA GLY B 45 5.47 10.26 44.13
C GLY B 45 5.04 8.88 43.72
N ARG B 46 3.76 8.69 43.37
CA ARG B 46 3.30 7.40 42.90
C ARG B 46 3.97 6.98 41.60
N THR B 47 4.47 7.95 40.84
CA THR B 47 5.16 7.67 39.58
C THR B 47 6.09 8.84 39.28
N THR B 48 6.85 8.71 38.20
CA THR B 48 7.75 9.75 37.74
C THR B 48 7.51 9.99 36.26
N ALA B 49 8.03 11.11 35.76
CA ALA B 49 7.90 11.41 34.34
C ALA B 49 8.54 10.32 33.50
N VAL B 50 9.70 9.81 33.92
CA VAL B 50 10.35 8.74 33.18
C VAL B 50 9.45 7.51 33.14
N GLU B 51 8.89 7.15 34.30
CA GLU B 51 8.00 6.00 34.35
C GLU B 51 6.80 6.21 33.42
N LEU B 52 6.30 7.44 33.32
CA LEU B 52 5.18 7.72 32.42
C LEU B 52 5.57 7.50 30.96
N VAL B 53 6.67 8.14 30.52
CA VAL B 53 7.15 7.95 29.16
C VAL B 53 7.31 6.47 28.84
N GLN B 54 7.90 5.71 29.77
CA GLN B 54 8.11 4.28 29.53
C GLN B 54 6.79 3.55 29.37
N ALA B 55 5.78 3.94 30.14
CA ALA B 55 4.49 3.27 30.05
C ALA B 55 3.84 3.50 28.69
N TYR B 56 3.96 4.71 28.16
CA TYR B 56 3.39 5.01 26.85
C TYR B 56 4.19 4.33 25.74
N LEU B 57 5.52 4.42 25.80
CA LEU B 57 6.33 3.73 24.80
C LEU B 57 6.06 2.23 24.80
N ALA B 58 5.76 1.66 25.97
CA ALA B 58 5.39 0.25 26.02
C ALA B 58 4.12 -0.02 25.23
N ARG B 59 3.11 0.86 25.37
CA ARG B 59 1.87 0.68 24.61
C ARG B 59 2.12 0.87 23.12
N ILE B 60 2.94 1.84 22.74
CA ILE B 60 3.27 2.04 21.34
C ILE B 60 3.94 0.80 20.78
N ASP B 61 4.88 0.21 21.53
CA ASP B 61 5.61 -0.95 21.05
C ASP B 61 4.72 -2.19 20.95
N ALA B 62 3.69 -2.29 21.79
CA ALA B 62 2.84 -3.46 21.79
C ALA B 62 1.71 -3.40 20.77
N TYR B 63 1.24 -2.19 20.42
CA TYR B 63 0.06 -2.02 19.59
C TYR B 63 0.30 -1.26 18.29
N ASP B 64 1.29 -0.37 18.24
CA ASP B 64 1.47 0.52 17.11
C ASP B 64 2.54 0.06 16.13
N ALA B 65 3.60 -0.57 16.61
CA ALA B 65 4.77 -0.82 15.79
C ALA B 65 4.49 -1.90 14.75
N PRO B 66 5.23 -1.90 13.64
CA PRO B 66 5.13 -3.01 12.70
C PRO B 66 5.50 -4.33 13.36
N GLY B 67 4.89 -5.40 12.89
CA GLY B 67 5.11 -6.72 13.43
C GLY B 67 4.25 -7.07 14.62
N THR B 68 3.48 -6.12 15.16
CA THR B 68 2.52 -6.44 16.20
C THR B 68 1.21 -6.90 15.58
N PRO B 69 0.35 -7.55 16.37
CA PRO B 69 -0.94 -8.01 15.81
C PRO B 69 -1.83 -6.87 15.33
N THR B 70 -1.79 -5.71 15.98
CA THR B 70 -2.64 -4.59 15.60
C THR B 70 -1.96 -3.65 14.62
N ALA B 71 -0.68 -3.35 14.83
CA ALA B 71 0.10 -2.51 13.93
C ALA B 71 -0.70 -1.28 13.48
N LEU B 72 -1.07 -0.46 14.46
CA LEU B 72 -1.92 0.69 14.17
C LEU B 72 -1.19 1.76 13.38
N ASN B 73 0.14 1.83 13.47
CA ASN B 73 0.93 2.72 12.63
C ASN B 73 0.52 4.18 12.80
N ALA B 74 0.26 4.58 14.04
CA ALA B 74 -0.12 5.96 14.36
C ALA B 74 1.07 6.87 14.59
N VAL B 75 2.07 6.40 15.35
CA VAL B 75 3.25 7.19 15.68
C VAL B 75 4.34 6.84 14.69
N VAL B 76 4.75 7.83 13.90
CA VAL B 76 5.63 7.58 12.76
C VAL B 76 7.03 8.17 12.93
N VAL B 77 7.24 9.05 13.90
CA VAL B 77 8.55 9.63 14.16
C VAL B 77 8.72 9.77 15.66
N ARG B 78 9.74 9.10 16.21
CA ARG B 78 10.00 9.15 17.65
C ARG B 78 10.81 10.38 18.00
N ASN B 79 10.61 10.87 19.22
CA ASN B 79 11.47 11.89 19.80
C ASN B 79 12.52 11.19 20.64
N PRO B 80 13.78 11.11 20.20
CA PRO B 80 14.77 10.34 20.97
C PRO B 80 15.15 11.00 22.29
N ASP B 81 14.86 12.27 22.49
CA ASP B 81 15.19 12.97 23.72
C ASP B 81 14.08 12.90 24.76
N ALA B 82 13.02 12.14 24.50
CA ALA B 82 11.87 12.12 25.41
C ALA B 82 12.28 11.67 26.81
N LEU B 83 13.12 10.65 26.90
CA LEU B 83 13.52 10.15 28.22
C LEU B 83 14.40 11.16 28.94
N ALA B 84 15.30 11.84 28.21
CA ALA B 84 16.10 12.87 28.83
C ALA B 84 15.24 14.05 29.30
N GLU B 85 14.25 14.43 28.49
CA GLU B 85 13.34 15.49 28.91
C GLU B 85 12.56 15.09 30.16
N ALA B 86 12.15 13.81 30.24
CA ALA B 86 11.49 13.33 31.44
C ALA B 86 12.43 13.40 32.64
N GLN B 87 13.71 13.09 32.43
CA GLN B 87 14.69 13.22 33.51
C GLN B 87 14.74 14.63 34.05
N ALA B 88 14.89 15.61 33.15
CA ALA B 88 14.95 17.01 33.60
C ALA B 88 13.66 17.41 34.30
N SER B 89 12.52 16.88 33.87
CA SER B 89 11.26 17.19 34.53
C SER B 89 11.22 16.66 35.95
N ASP B 90 11.69 15.42 36.16
CA ASP B 90 11.72 14.86 37.50
C ASP B 90 12.77 15.55 38.37
N ALA B 91 13.84 16.07 37.75
CA ALA B 91 14.84 16.82 38.49
C ALA B 91 14.26 18.12 39.04
N ARG B 92 13.44 18.81 38.24
CA ARG B 92 12.77 20.00 38.73
C ARG B 92 11.83 19.68 39.89
N ARG B 93 11.09 18.57 39.78
CA ARG B 93 10.12 18.22 40.81
C ARG B 93 10.82 17.88 42.12
N ALA B 94 11.92 17.13 42.06
CA ALA B 94 12.68 16.83 43.26
C ALA B 94 13.22 18.10 43.90
N ARG B 95 13.54 19.11 43.09
CA ARG B 95 13.94 20.43 43.57
C ARG B 95 12.73 21.29 43.94
N GLY B 96 11.53 20.73 43.97
CA GLY B 96 10.35 21.49 44.37
C GLY B 96 10.09 22.71 43.50
N GLU B 97 10.22 22.57 42.18
CA GLU B 97 9.99 23.67 41.26
C GLU B 97 9.43 23.20 39.94
N PRO B 98 8.22 22.63 39.92
CA PRO B 98 7.60 22.29 38.63
C PRO B 98 7.31 23.56 37.83
N LEU B 99 7.43 23.44 36.50
CA LEU B 99 7.21 24.57 35.62
C LEU B 99 5.73 24.95 35.54
N GLY B 100 4.82 24.06 35.90
CA GLY B 100 3.41 24.34 35.81
C GLY B 100 2.56 23.08 35.73
N PRO B 101 1.29 23.24 35.35
CA PRO B 101 0.36 22.11 35.41
C PRO B 101 0.70 20.99 34.43
N LEU B 102 1.42 21.25 33.35
CA LEU B 102 1.72 20.23 32.35
C LEU B 102 3.15 19.72 32.43
N ASP B 103 3.91 20.13 33.44
CA ASP B 103 5.29 19.66 33.58
C ASP B 103 5.32 18.14 33.72
N GLY B 104 5.96 17.47 32.76
CA GLY B 104 6.09 16.02 32.81
C GLY B 104 5.00 15.25 32.11
N ILE B 105 4.13 15.91 31.37
CA ILE B 105 2.99 15.26 30.71
C ILE B 105 3.38 14.97 29.27
N PRO B 106 3.32 13.72 28.81
CA PRO B 106 3.66 13.43 27.41
C PRO B 106 2.50 13.62 26.45
N TYR B 107 2.82 14.05 25.23
CA TYR B 107 1.85 14.23 24.16
C TYR B 107 2.46 13.82 22.83
N THR B 108 1.63 13.83 21.78
CA THR B 108 2.07 13.63 20.41
C THR B 108 1.60 14.80 19.56
N ALA B 109 2.31 15.03 18.46
CA ALA B 109 2.01 16.11 17.53
C ALA B 109 1.90 15.60 16.11
N LYS B 110 0.91 16.11 15.38
CA LYS B 110 0.79 15.80 13.96
C LYS B 110 2.07 16.14 13.23
N ASP B 111 2.39 15.35 12.19
CA ASP B 111 3.66 15.51 11.48
C ASP B 111 3.78 16.86 10.78
N SER B 112 2.72 17.67 10.77
CA SER B 112 2.78 19.01 10.21
C SER B 112 3.40 20.03 11.16
N TYR B 113 3.49 19.70 12.46
CA TYR B 113 4.09 20.61 13.42
C TYR B 113 5.61 20.56 13.34
N LEU B 114 6.24 21.73 13.41
CA LEU B 114 7.69 21.81 13.56
C LEU B 114 8.05 21.48 15.00
N VAL B 115 8.84 20.42 15.19
CA VAL B 115 9.43 20.09 16.48
C VAL B 115 10.95 20.09 16.30
N LYS B 116 11.63 21.00 16.98
CA LYS B 116 13.04 21.26 16.72
C LYS B 116 13.88 19.99 16.80
N GLY B 117 14.65 19.75 15.75
CA GLY B 117 15.53 18.60 15.68
C GLY B 117 14.94 17.40 14.98
N LEU B 118 13.62 17.29 14.91
CA LEU B 118 12.98 16.16 14.25
C LEU B 118 12.61 16.54 12.82
N THR B 119 12.36 15.52 12.01
CA THR B 119 11.92 15.76 10.64
C THR B 119 10.49 16.30 10.65
N ALA B 120 10.15 17.06 9.60
CA ALA B 120 8.81 17.63 9.43
C ALA B 120 8.42 17.45 7.96
N ALA B 121 8.04 16.22 7.60
CA ALA B 121 7.75 15.88 6.21
C ALA B 121 6.32 16.23 5.80
N SER B 122 5.43 16.51 6.75
CA SER B 122 4.01 16.65 6.43
C SER B 122 3.50 15.42 5.69
N GLY B 123 4.08 14.26 5.99
CA GLY B 123 3.71 13.02 5.35
C GLY B 123 4.06 12.91 3.89
N SER B 124 4.87 13.84 3.35
CA SER B 124 5.19 13.85 1.93
C SER B 124 6.54 13.21 1.67
N PRO B 125 6.67 12.31 0.70
CA PRO B 125 8.00 11.79 0.36
C PRO B 125 8.98 12.89 -0.03
N ALA B 126 8.49 13.97 -0.63
CA ALA B 126 9.36 15.06 -1.08
C ALA B 126 10.04 15.76 0.09
N PHE B 127 9.49 15.68 1.30
CA PHE B 127 10.04 16.35 2.46
C PHE B 127 10.50 15.38 3.55
N LYS B 128 10.72 14.10 3.20
CA LYS B 128 11.04 13.10 4.21
C LYS B 128 12.33 13.43 4.96
N ASP B 129 13.23 14.21 4.38
CA ASP B 129 14.49 14.55 5.03
C ASP B 129 14.54 15.95 5.59
N LEU B 130 13.47 16.74 5.41
CA LEU B 130 13.42 18.09 5.96
C LEU B 130 13.46 18.04 7.48
N VAL B 131 14.33 18.86 8.07
CA VAL B 131 14.53 18.87 9.51
C VAL B 131 14.07 20.22 10.06
N ALA B 132 13.33 20.18 11.16
CA ALA B 132 12.83 21.40 11.78
C ALA B 132 13.98 22.15 12.47
N GLN B 133 14.13 23.42 12.12
CA GLN B 133 15.14 24.27 12.74
C GLN B 133 14.62 25.04 13.95
N ARG B 134 13.33 24.95 14.23
CA ARG B 134 12.73 25.63 15.37
C ARG B 134 11.38 24.98 15.65
N ASP B 135 10.70 25.45 16.70
CA ASP B 135 9.42 24.91 17.12
C ASP B 135 8.27 25.71 16.55
N ALA B 136 7.13 25.03 16.37
CA ALA B 136 5.87 25.73 16.14
C ALA B 136 5.42 26.39 17.43
N PHE B 137 4.63 27.46 17.29
CA PHE B 137 4.20 28.22 18.45
C PHE B 137 3.61 27.31 19.51
N THR B 138 2.69 26.43 19.12
CA THR B 138 2.08 25.52 20.08
C THR B 138 3.14 24.70 20.81
N VAL B 139 4.14 24.21 20.07
CA VAL B 139 5.19 23.39 20.68
C VAL B 139 6.06 24.23 21.61
N GLU B 140 6.35 25.47 21.22
CA GLU B 140 7.09 26.37 22.11
C GLU B 140 6.40 26.52 23.45
N ARG B 141 5.09 26.78 23.42
CA ARG B 141 4.34 26.94 24.67
C ARG B 141 4.41 25.68 25.52
N LEU B 142 4.28 24.51 24.88
CA LEU B 142 4.30 23.26 25.62
C LEU B 142 5.70 22.91 26.12
N ARG B 143 6.74 23.21 25.33
CA ARG B 143 8.10 22.98 25.80
C ARG B 143 8.41 23.86 27.01
N ALA B 144 8.01 25.13 26.96
CA ALA B 144 8.23 26.03 28.09
C ALA B 144 7.47 25.58 29.34
N ALA B 145 6.39 24.82 29.17
CA ALA B 145 5.62 24.32 30.30
C ALA B 145 6.11 22.96 30.78
N GLY B 146 7.11 22.38 30.14
CA GLY B 146 7.66 21.12 30.56
C GLY B 146 6.94 19.89 30.03
N ALA B 147 6.11 20.04 29.00
CA ALA B 147 5.47 18.91 28.37
C ALA B 147 6.44 18.22 27.41
N ILE B 148 6.23 16.93 27.19
CA ILE B 148 7.20 16.08 26.52
C ILE B 148 6.55 15.46 25.30
N CYS B 149 7.01 15.83 24.11
CA CYS B 149 6.53 15.23 22.88
C CYS B 149 7.18 13.87 22.70
N LEU B 150 6.35 12.81 22.65
CA LEU B 150 6.87 11.47 22.41
C LEU B 150 7.18 11.21 20.94
N GLY B 151 6.56 11.94 20.03
CA GLY B 151 6.79 11.73 18.62
C GLY B 151 5.70 12.38 17.80
N LYS B 152 5.72 12.08 16.51
CA LYS B 152 4.84 12.69 15.54
C LYS B 152 3.93 11.64 14.92
N THR B 153 2.73 12.07 14.53
CA THR B 153 1.68 11.14 14.12
C THR B 153 1.42 11.20 12.62
N ASN B 154 0.79 10.14 12.12
CA ASN B 154 0.67 9.90 10.69
C ASN B 154 -0.34 10.84 10.03
N MET B 155 -0.15 11.03 8.72
CA MET B 155 -0.98 11.91 7.92
C MET B 155 -0.69 11.69 6.44
N PRO B 156 -1.63 11.97 5.55
CA PRO B 156 -1.36 11.89 4.11
C PRO B 156 -0.49 13.06 3.66
N PRO B 157 0.09 12.96 2.46
CA PRO B 157 1.03 14.01 2.02
C PRO B 157 0.42 15.40 2.07
N MET B 158 1.13 16.32 2.72
CA MET B 158 0.75 17.72 2.81
C MET B 158 -0.61 17.93 3.45
N ALA B 159 -1.12 16.92 4.15
CA ALA B 159 -2.46 16.96 4.74
C ALA B 159 -3.54 17.14 3.69
N ASN B 160 -3.23 16.92 2.42
CA ASN B 160 -4.17 17.23 1.33
C ASN B 160 -5.04 16.02 1.01
N GLY B 161 -5.70 15.52 2.05
CA GLY B 161 -6.52 14.32 1.90
C GLY B 161 -6.96 13.83 3.26
N GLY B 162 -7.20 12.53 3.34
CA GLY B 162 -7.67 11.91 4.57
C GLY B 162 -6.92 10.65 4.94
N MET B 163 -7.24 9.54 4.26
CA MET B 163 -6.68 8.24 4.60
C MET B 163 -5.73 7.72 3.53
N GLN B 164 -5.34 8.55 2.57
CA GLN B 164 -4.35 8.15 1.59
C GLN B 164 -3.00 7.94 2.27
N ARG B 165 -2.23 7.00 1.73
CA ARG B 165 -0.94 6.67 2.33
C ARG B 165 0.12 7.66 1.90
N GLY B 166 0.85 8.19 2.86
CA GLY B 166 1.98 9.05 2.62
C GLY B 166 3.30 8.33 2.77
N VAL B 167 4.34 9.09 3.09
CA VAL B 167 5.67 8.51 3.28
C VAL B 167 5.69 7.56 4.48
N TYR B 168 4.71 7.68 5.38
CA TYR B 168 4.62 6.80 6.54
C TYR B 168 3.42 5.86 6.48
N GLY B 169 2.74 5.79 5.34
CA GLY B 169 1.54 4.99 5.24
C GLY B 169 0.32 5.69 5.84
N ARG B 170 -0.51 4.95 6.56
CA ARG B 170 -1.70 5.49 7.19
C ARG B 170 -1.91 4.76 8.50
N ALA B 171 -2.67 5.39 9.40
CA ALA B 171 -2.99 4.77 10.68
C ALA B 171 -4.28 3.97 10.57
N GLU B 172 -4.42 2.98 11.45
CA GLU B 172 -5.60 2.13 11.50
C GLU B 172 -6.42 2.42 12.75
N SER B 173 -7.67 1.99 12.70
CA SER B 173 -8.62 2.28 13.79
C SER B 173 -8.34 1.37 14.98
N PRO B 174 -8.30 1.91 16.20
CA PRO B 174 -8.21 1.05 17.39
C PRO B 174 -9.55 0.49 17.85
N TYR B 175 -10.65 0.86 17.20
CA TYR B 175 -11.98 0.39 17.59
C TYR B 175 -12.50 -0.76 16.72
N ASN B 176 -12.31 -0.69 15.41
CA ASN B 176 -12.79 -1.73 14.51
C ASN B 176 -11.91 -1.72 13.27
N ALA B 177 -11.12 -2.79 13.10
CA ALA B 177 -10.21 -2.89 11.96
C ALA B 177 -10.94 -2.78 10.63
N ALA B 178 -12.24 -3.01 10.60
CA ALA B 178 -12.99 -3.02 9.36
C ALA B 178 -13.34 -1.62 8.85
N TYR B 179 -13.11 -0.58 9.64
CA TYR B 179 -13.50 0.78 9.28
C TYR B 179 -12.34 1.74 9.46
N LEU B 180 -12.40 2.84 8.72
CA LEU B 180 -11.34 3.84 8.72
C LEU B 180 -11.32 4.59 10.05
N THR B 181 -10.15 5.07 10.43
CA THR B 181 -10.02 5.88 11.63
C THR B 181 -10.36 7.34 11.37
N ALA B 182 -10.68 7.73 10.14
CA ALA B 182 -11.04 9.09 9.80
C ALA B 182 -11.75 9.09 8.45
N PRO B 183 -12.44 10.18 8.11
CA PRO B 183 -13.04 10.28 6.76
C PRO B 183 -11.97 10.19 5.68
N PHE B 184 -12.34 9.59 4.55
CA PHE B 184 -11.33 9.21 3.57
C PHE B 184 -10.77 10.42 2.84
N ALA B 185 -11.60 11.43 2.56
CA ALA B 185 -11.17 12.57 1.75
C ALA B 185 -10.64 13.74 2.58
N SER B 186 -11.04 13.86 3.84
CA SER B 186 -10.52 14.93 4.69
C SER B 186 -10.52 14.41 6.13
N GLY B 187 -9.38 13.89 6.57
CA GLY B 187 -9.20 13.33 7.88
C GLY B 187 -7.73 13.14 8.14
N SER B 188 -6.94 14.15 7.76
CA SER B 188 -5.49 13.99 7.66
C SER B 188 -4.82 13.83 9.01
N SER B 189 -5.49 14.18 10.11
CA SER B 189 -4.91 13.94 11.44
C SER B 189 -5.22 12.52 11.91
N ASN B 190 -5.06 11.52 11.02
CA ASN B 190 -5.53 10.19 11.35
C ASN B 190 -4.63 9.49 12.37
N GLY B 191 -3.34 9.81 12.39
CA GLY B 191 -2.47 9.29 13.44
C GLY B 191 -2.78 9.90 14.79
N ALA B 192 -3.08 11.21 14.80
CA ALA B 192 -3.39 11.89 16.05
C ALA B 192 -4.64 11.30 16.71
N GLY B 193 -5.64 10.93 15.90
CA GLY B 193 -6.86 10.37 16.46
C GLY B 193 -6.65 8.99 17.06
N THR B 194 -6.04 8.08 16.29
CA THR B 194 -5.77 6.75 16.83
C THR B 194 -4.91 6.84 18.09
N ALA B 195 -3.82 7.62 18.02
CA ALA B 195 -2.86 7.64 19.12
C ALA B 195 -3.47 8.16 20.42
N THR B 196 -4.27 9.22 20.33
CA THR B 196 -4.86 9.79 21.54
C THR B 196 -5.92 8.87 22.12
N ALA B 197 -6.72 8.24 21.25
CA ALA B 197 -7.75 7.32 21.73
C ALA B 197 -7.16 6.05 22.33
N ALA B 198 -5.99 5.63 21.84
CA ALA B 198 -5.34 4.42 22.33
C ALA B 198 -4.44 4.69 23.52
N SER B 199 -4.44 5.92 24.03
CA SER B 199 -3.59 6.28 25.17
C SER B 199 -2.12 5.98 24.90
N PHE B 200 -1.66 6.33 23.71
CA PHE B 200 -0.23 6.36 23.44
C PHE B 200 0.44 7.60 24.00
N ALA B 201 -0.36 8.55 24.50
CA ALA B 201 0.13 9.71 25.22
C ALA B 201 -1.06 10.31 25.96
N ALA B 202 -0.79 11.36 26.74
CA ALA B 202 -1.87 11.97 27.53
C ALA B 202 -2.85 12.73 26.63
N PHE B 203 -2.34 13.46 25.64
CA PHE B 203 -3.19 14.20 24.72
C PHE B 203 -2.45 14.31 23.39
N GLY B 204 -3.09 14.97 22.42
CA GLY B 204 -2.54 15.05 21.08
C GLY B 204 -2.83 16.39 20.43
N LEU B 205 -2.02 16.70 19.42
CA LEU B 205 -2.15 17.93 18.66
C LEU B 205 -2.45 17.58 17.20
N ALA B 206 -3.48 18.22 16.66
CA ALA B 206 -3.89 18.03 15.27
C ALA B 206 -4.00 19.37 14.55
N GLU B 207 -4.50 19.34 13.31
CA GLU B 207 -4.65 20.53 12.48
C GLU B 207 -5.78 20.27 11.50
N GLU B 208 -6.50 21.33 11.14
CA GLU B 208 -7.66 21.21 10.26
C GLU B 208 -7.61 22.24 9.15
N THR B 209 -7.94 21.79 7.94
CA THR B 209 -8.17 22.68 6.80
C THR B 209 -9.60 22.60 6.31
N TRP B 210 -10.12 21.39 6.07
CA TRP B 210 -11.55 21.19 5.87
C TRP B 210 -12.15 20.56 7.11
N SER B 211 -11.90 19.27 7.33
CA SER B 211 -12.37 18.59 8.53
C SER B 211 -11.32 17.61 9.07
N SER B 212 -10.03 17.90 8.82
CA SER B 212 -8.97 17.01 9.26
C SER B 212 -8.80 16.97 10.77
N GLY B 213 -9.53 17.80 11.51
CA GLY B 213 -9.56 17.75 12.96
C GLY B 213 -10.80 17.09 13.49
N ARG B 214 -11.97 17.58 13.05
CA ARG B 214 -13.23 17.03 13.53
C ARG B 214 -13.43 15.59 13.07
N GLY B 215 -12.97 15.26 11.87
CA GLY B 215 -13.16 13.94 11.31
C GLY B 215 -12.55 12.85 12.17
N PRO B 216 -11.22 12.89 12.34
CA PRO B 216 -10.58 11.86 13.17
C PRO B 216 -11.07 11.87 14.61
N ALA B 217 -11.44 13.03 15.15
CA ALA B 217 -11.94 13.08 16.52
C ALA B 217 -13.24 12.27 16.64
N SER B 218 -14.13 12.41 15.64
CA SER B 218 -15.42 11.72 15.70
C SER B 218 -15.24 10.19 15.71
N ASN B 219 -14.43 9.68 14.78
CA ASN B 219 -14.24 8.23 14.66
C ASN B 219 -13.49 7.61 15.83
N ASN B 220 -12.89 8.42 16.71
CA ASN B 220 -12.10 7.89 17.80
C ASN B 220 -12.59 8.34 19.18
N GLY B 221 -13.78 8.92 19.27
CA GLY B 221 -14.37 9.24 20.55
C GLY B 221 -13.64 10.32 21.31
N LEU B 222 -13.09 11.31 20.61
CA LEU B 222 -12.25 12.33 21.21
C LEU B 222 -12.99 13.66 21.34
N CYS B 223 -12.49 14.49 22.24
CA CYS B 223 -12.87 15.89 22.30
C CYS B 223 -11.90 16.71 21.48
N ALA B 224 -12.42 17.70 20.76
CA ALA B 224 -11.61 18.49 19.85
C ALA B 224 -12.21 19.87 19.72
N TYR B 225 -11.35 20.87 19.49
CA TYR B 225 -11.76 22.27 19.46
C TYR B 225 -11.11 22.94 18.27
N THR B 226 -11.93 23.48 17.37
CA THR B 226 -11.44 24.26 16.24
C THR B 226 -11.68 25.73 16.54
N PRO B 227 -10.65 26.52 16.84
CA PRO B 227 -10.86 27.87 17.35
C PRO B 227 -11.27 28.87 16.28
N SER B 228 -11.83 29.99 16.74
CA SER B 228 -12.03 31.15 15.88
C SER B 228 -10.67 31.63 15.36
N ARG B 229 -10.72 32.45 14.32
CA ARG B 229 -9.49 32.90 13.66
C ARG B 229 -8.61 33.69 14.63
N GLY B 230 -7.31 33.42 14.59
CA GLY B 230 -6.35 34.19 15.35
C GLY B 230 -6.22 33.84 16.82
N VAL B 231 -6.97 32.84 17.30
CA VAL B 231 -6.90 32.48 18.71
C VAL B 231 -5.65 31.67 19.01
N ILE B 232 -5.29 30.74 18.13
CA ILE B 232 -4.08 29.93 18.29
C ILE B 232 -3.20 30.14 17.07
N SER B 233 -2.01 30.69 17.28
CA SER B 233 -1.10 30.98 16.17
C SER B 233 -0.79 29.71 15.40
N VAL B 234 -0.78 29.83 14.08
CA VAL B 234 -0.42 28.72 13.20
C VAL B 234 1.02 28.85 12.70
N ARG B 235 1.82 29.71 13.33
CA ARG B 235 3.23 29.82 12.95
C ARG B 235 3.97 28.53 13.28
N GLY B 236 4.79 28.07 12.33
CA GLY B 236 5.51 26.84 12.50
C GLY B 236 4.71 25.59 12.19
N ASN B 237 3.48 25.74 11.69
CA ASN B 237 2.69 24.63 11.21
C ASN B 237 2.72 24.60 9.70
N TRP B 238 2.97 23.43 9.13
CA TRP B 238 2.86 23.27 7.69
C TRP B 238 1.51 23.81 7.23
N PRO B 239 1.47 24.81 6.35
CA PRO B 239 0.19 25.28 5.82
C PRO B 239 -0.33 24.34 4.75
N LEU B 240 -1.62 24.49 4.46
CA LEU B 240 -2.22 23.88 3.29
C LEU B 240 -3.01 24.92 2.53
N THR B 241 -4.03 25.48 3.17
CA THR B 241 -4.76 26.63 2.64
C THR B 241 -4.70 27.73 3.68
N PRO B 242 -3.85 28.75 3.50
CA PRO B 242 -3.61 29.70 4.60
C PRO B 242 -4.84 30.42 5.12
N THR B 243 -5.90 30.54 4.31
CA THR B 243 -7.13 31.17 4.79
C THR B 243 -7.95 30.26 5.71
N MET B 244 -7.63 28.97 5.77
CA MET B 244 -8.47 27.99 6.45
C MET B 244 -7.78 27.23 7.57
N ASP B 245 -6.45 27.10 7.55
CA ASP B 245 -5.76 26.24 8.50
C ASP B 245 -5.93 26.73 9.94
N VAL B 246 -6.17 25.79 10.85
CA VAL B 246 -6.22 26.08 12.28
C VAL B 246 -5.61 24.93 13.05
N VAL B 247 -5.12 25.25 14.26
CA VAL B 247 -4.60 24.26 15.20
C VAL B 247 -5.77 23.65 15.96
N VAL B 248 -5.67 22.35 16.24
CA VAL B 248 -6.77 21.61 16.86
C VAL B 248 -6.22 20.69 17.95
N PRO B 249 -6.48 20.97 19.23
CA PRO B 249 -6.07 20.03 20.27
C PRO B 249 -7.01 18.85 20.42
N TYR B 250 -6.44 17.69 20.74
CA TYR B 250 -7.17 16.45 20.96
C TYR B 250 -7.03 16.00 22.41
N ALA B 251 -8.13 15.51 22.99
CA ALA B 251 -8.09 14.96 24.32
C ALA B 251 -9.23 13.95 24.48
N ARG B 252 -9.09 13.08 25.48
CA ARG B 252 -10.11 12.08 25.76
C ARG B 252 -11.24 12.61 26.63
N SER B 253 -11.10 13.82 27.17
CA SER B 253 -12.13 14.41 28.02
C SER B 253 -12.05 15.92 27.90
N MET B 254 -13.16 16.58 28.24
CA MET B 254 -13.20 18.04 28.16
C MET B 254 -12.27 18.67 29.19
N ALA B 255 -12.15 18.07 30.37
CA ALA B 255 -11.24 18.61 31.37
C ALA B 255 -9.81 18.64 30.86
N ASP B 256 -9.38 17.56 30.17
CA ASP B 256 -8.05 17.54 29.57
C ASP B 256 -7.91 18.62 28.50
N LEU B 257 -8.93 18.77 27.64
CA LEU B 257 -8.90 19.78 26.61
C LEU B 257 -8.67 21.16 27.21
N LEU B 258 -9.33 21.46 28.32
CA LEU B 258 -9.19 22.77 28.94
C LEU B 258 -7.81 22.95 29.57
N GLU B 259 -7.23 21.88 30.10
CA GLU B 259 -5.85 21.94 30.60
C GLU B 259 -4.88 22.35 29.50
N ILE B 260 -5.03 21.77 28.30
CA ILE B 260 -4.14 22.08 27.19
C ILE B 260 -4.27 23.55 26.80
N LEU B 261 -5.51 24.01 26.61
CA LEU B 261 -5.73 25.36 26.12
C LEU B 261 -5.19 26.39 27.11
N ASP B 262 -5.34 26.12 28.42
CA ASP B 262 -4.82 27.04 29.43
C ASP B 262 -3.36 27.39 29.16
N VAL B 263 -2.60 26.44 28.64
CA VAL B 263 -1.17 26.63 28.42
C VAL B 263 -0.87 27.21 27.04
N VAL B 264 -1.54 26.74 25.99
CA VAL B 264 -1.11 27.09 24.64
C VAL B 264 -1.67 28.45 24.20
N VAL B 265 -2.88 28.80 24.60
CA VAL B 265 -3.52 30.01 24.10
C VAL B 265 -2.84 31.24 24.73
N ALA B 266 -2.14 32.01 23.90
CA ALA B 266 -1.44 33.21 24.33
C ALA B 266 -1.04 33.98 23.08
N ASP B 267 -0.71 35.25 23.28
CA ASP B 267 -0.33 36.10 22.15
C ASP B 267 1.04 35.70 21.61
N ASP B 268 1.14 35.55 20.29
CA ASP B 268 2.40 35.25 19.64
C ASP B 268 2.92 36.52 18.98
N PRO B 269 3.98 37.15 19.49
CA PRO B 269 4.45 38.40 18.86
C PRO B 269 4.92 38.23 17.43
N ASP B 270 5.33 37.02 17.03
CA ASP B 270 5.76 36.76 15.67
C ASP B 270 4.56 36.32 14.83
N THR B 271 4.23 37.10 13.80
CA THR B 271 3.06 36.83 12.97
C THR B 271 3.39 36.11 11.67
N ARG B 272 4.67 35.81 11.41
CA ARG B 272 5.04 35.30 10.10
C ARG B 272 4.33 33.99 9.80
N GLY B 273 3.77 33.90 8.58
CA GLY B 273 3.06 32.72 8.14
C GLY B 273 1.61 32.65 8.56
N ASP B 274 1.19 33.42 9.57
CA ASP B 274 -0.17 33.36 10.08
C ASP B 274 -0.97 34.44 9.37
N LEU B 275 -1.67 34.06 8.30
CA LEU B 275 -2.26 35.03 7.39
C LEU B 275 -3.24 35.95 8.12
N TRP B 276 -4.12 35.39 8.93
CA TRP B 276 -5.17 36.18 9.55
C TRP B 276 -4.64 37.12 10.63
N ARG B 277 -3.46 36.82 11.20
CA ARG B 277 -2.85 37.74 12.16
C ARG B 277 -1.90 38.74 11.52
N MET B 278 -1.56 38.57 10.24
CA MET B 278 -0.75 39.54 9.51
C MET B 278 -1.61 40.56 8.77
N GLN B 279 -2.74 40.12 8.23
CA GLN B 279 -3.49 40.94 7.29
C GLN B 279 -4.05 42.17 8.00
N PRO B 280 -4.09 43.32 7.32
CA PRO B 280 -4.60 44.56 7.96
C PRO B 280 -6.04 44.93 7.65
N TRP B 281 -6.75 44.16 6.82
CA TRP B 281 -8.04 44.63 6.29
C TRP B 281 -9.23 44.21 7.14
N VAL B 282 -9.14 43.11 7.87
CA VAL B 282 -10.24 42.61 8.69
C VAL B 282 -9.80 42.69 10.15
N PRO B 283 -10.60 43.25 11.06
CA PRO B 283 -10.20 43.31 12.46
C PRO B 283 -10.24 41.93 13.10
N ILE B 284 -9.09 41.48 13.59
CA ILE B 284 -8.95 40.22 14.30
C ILE B 284 -8.49 40.54 15.72
N PRO B 285 -9.20 40.10 16.75
CA PRO B 285 -8.76 40.39 18.12
C PRO B 285 -7.58 39.53 18.53
N LYS B 286 -6.84 40.04 19.52
CA LYS B 286 -5.71 39.30 20.06
C LYS B 286 -6.18 38.07 20.83
N ALA B 287 -5.34 37.03 20.82
CA ALA B 287 -5.64 35.82 21.58
C ALA B 287 -5.92 36.14 23.04
N SER B 288 -5.14 37.05 23.63
CA SER B 288 -5.31 37.40 25.02
C SER B 288 -6.64 38.08 25.29
N GLU B 289 -7.27 38.63 24.26
CA GLU B 289 -8.60 39.24 24.39
C GLU B 289 -9.73 38.23 24.24
N VAL B 290 -9.47 37.08 23.64
CA VAL B 290 -10.53 36.10 23.39
C VAL B 290 -10.60 35.06 24.50
N ARG B 291 -9.45 34.62 25.02
CA ARG B 291 -9.46 33.54 25.99
C ARG B 291 -10.01 34.02 27.32
N PRO B 292 -10.58 33.11 28.12
CA PRO B 292 -10.92 33.46 29.50
C PRO B 292 -9.69 33.40 30.39
N ALA B 293 -9.84 34.00 31.58
CA ALA B 293 -8.75 33.96 32.56
C ALA B 293 -8.33 32.52 32.84
N SER B 294 -9.30 31.60 32.90
CA SER B 294 -9.04 30.20 33.21
C SER B 294 -9.91 29.32 32.33
N TYR B 295 -9.28 28.49 31.49
CA TYR B 295 -10.06 27.55 30.68
C TYR B 295 -10.70 26.48 31.55
N PRO B 296 -10.01 25.85 32.50
CA PRO B 296 -10.66 24.83 33.34
C PRO B 296 -11.91 25.32 34.03
N ALA B 297 -12.04 26.63 34.28
CA ALA B 297 -13.24 27.16 34.92
C ALA B 297 -14.46 27.11 34.00
N LEU B 298 -14.27 26.90 32.70
CA LEU B 298 -15.39 26.81 31.79
C LEU B 298 -16.19 25.52 31.97
N ALA B 299 -15.62 24.51 32.61
CA ALA B 299 -16.33 23.27 32.83
C ALA B 299 -17.57 23.52 33.69
N ALA B 300 -18.65 22.80 33.39
CA ALA B 300 -19.89 22.97 34.13
C ALA B 300 -20.72 21.71 33.98
N GLY B 301 -21.76 21.61 34.81
CA GLY B 301 -22.71 20.52 34.73
C GLY B 301 -23.91 20.88 33.87
N ALA B 302 -24.95 20.04 33.99
CA ALA B 302 -26.14 20.21 33.17
C ALA B 302 -26.83 21.56 33.39
N GLU B 303 -26.59 22.22 34.53
CA GLU B 303 -27.23 23.50 34.79
C GLU B 303 -26.90 24.51 33.69
N ALA B 304 -25.74 24.38 33.05
CA ALA B 304 -25.33 25.33 32.02
C ALA B 304 -26.12 25.16 30.72
N LEU B 305 -26.96 24.13 30.62
CA LEU B 305 -27.80 23.91 29.43
C LEU B 305 -29.23 24.37 29.64
N ALA B 306 -29.65 24.65 30.87
CA ALA B 306 -31.04 25.00 31.13
C ALA B 306 -31.37 26.33 30.50
N GLY B 307 -32.49 26.37 29.76
CA GLY B 307 -32.95 27.59 29.13
C GLY B 307 -32.26 27.94 27.84
N LYS B 308 -31.36 27.10 27.35
CA LYS B 308 -30.62 27.37 26.13
C LYS B 308 -31.39 26.81 24.93
N ARG B 309 -31.12 27.40 23.76
CA ARG B 309 -31.77 27.00 22.52
C ARG B 309 -30.71 26.55 21.53
N PHE B 310 -30.80 25.30 21.08
CA PHE B 310 -29.86 24.73 20.12
C PHE B 310 -30.61 24.32 18.86
N GLY B 311 -30.08 24.70 17.70
CA GLY B 311 -30.66 24.32 16.43
C GLY B 311 -29.86 23.18 15.81
N VAL B 312 -30.58 22.17 15.34
CA VAL B 312 -29.98 21.03 14.66
C VAL B 312 -30.38 21.10 13.18
N PRO B 313 -29.42 21.14 12.26
CA PRO B 313 -29.78 21.18 10.83
C PRO B 313 -30.44 19.88 10.40
N ARG B 314 -31.65 20.01 9.81
CA ARG B 314 -32.36 18.85 9.29
C ARG B 314 -31.48 18.01 8.38
N MET B 315 -30.58 18.64 7.63
CA MET B 315 -29.80 17.93 6.63
C MET B 315 -28.87 16.89 7.23
N PHE B 316 -28.60 16.96 8.54
CA PHE B 316 -27.68 16.04 9.19
C PHE B 316 -28.40 15.02 10.06
N ILE B 317 -29.73 14.92 9.98
CA ILE B 317 -30.45 13.90 10.73
C ILE B 317 -31.55 13.28 9.87
N ASN B 318 -31.32 13.18 8.56
CA ASN B 318 -32.24 12.50 7.64
C ASN B 318 -33.63 13.15 7.66
N ALA B 319 -33.67 14.49 7.71
CA ALA B 319 -34.93 15.20 7.79
C ALA B 319 -35.05 16.29 6.73
N ASP B 320 -34.24 16.25 5.67
CA ASP B 320 -34.19 17.31 4.66
C ASP B 320 -34.35 16.70 3.28
N PRO B 321 -35.58 16.36 2.88
CA PRO B 321 -35.79 15.83 1.52
C PRO B 321 -35.46 16.82 0.42
N ASP B 322 -35.40 18.12 0.72
CA ASP B 322 -35.11 19.12 -0.30
C ASP B 322 -33.64 19.18 -0.68
N ALA B 323 -32.75 18.64 0.15
CA ALA B 323 -31.32 18.68 -0.14
C ALA B 323 -31.02 17.93 -1.44
N GLY B 324 -30.29 18.59 -2.34
CA GLY B 324 -29.91 17.99 -3.60
C GLY B 324 -30.95 18.06 -4.69
N THR B 325 -31.92 18.97 -4.59
CA THR B 325 -33.02 19.05 -5.54
C THR B 325 -32.88 20.20 -6.54
N SER B 326 -31.76 20.92 -6.53
CA SER B 326 -31.51 21.89 -7.58
C SER B 326 -31.13 21.18 -8.87
N GLU B 327 -30.94 21.95 -9.95
CA GLU B 327 -30.68 21.34 -11.25
C GLU B 327 -29.30 20.71 -11.31
N SER B 328 -28.28 21.41 -10.82
CA SER B 328 -26.91 20.88 -10.76
C SER B 328 -26.30 21.28 -9.43
N PRO B 329 -26.63 20.56 -8.36
CA PRO B 329 -26.20 20.97 -7.03
C PRO B 329 -24.72 20.75 -6.81
N GLY B 330 -24.17 21.55 -5.89
CA GLY B 330 -22.83 21.33 -5.39
C GLY B 330 -21.79 22.22 -6.03
N ILE B 331 -20.56 22.09 -5.53
CA ILE B 331 -19.42 22.82 -6.06
C ILE B 331 -18.28 21.83 -6.33
N GLY B 332 -18.64 20.59 -6.63
CA GLY B 332 -17.66 19.54 -6.87
C GLY B 332 -17.79 18.38 -5.90
N GLY B 333 -17.31 17.20 -6.30
CA GLY B 333 -17.43 16.02 -5.49
C GLY B 333 -18.88 15.71 -5.20
N PRO B 334 -19.17 15.17 -4.02
CA PRO B 334 -20.57 14.92 -3.63
C PRO B 334 -21.27 16.07 -2.93
N THR B 335 -20.70 17.28 -2.96
CA THR B 335 -21.30 18.39 -2.23
C THR B 335 -22.68 18.71 -2.80
N GLY B 336 -23.52 19.30 -1.95
CA GLY B 336 -24.86 19.64 -2.35
C GLY B 336 -25.82 18.48 -2.49
N GLN B 337 -25.39 17.26 -2.19
CA GLN B 337 -26.24 16.09 -2.32
C GLN B 337 -26.82 15.71 -0.97
N ARG B 338 -28.00 15.08 -1.02
CA ARG B 338 -28.67 14.63 0.19
C ARG B 338 -27.79 13.65 0.95
N ILE B 339 -27.72 13.83 2.27
CA ILE B 339 -26.87 13.03 3.14
C ILE B 339 -27.70 11.90 3.74
N HIS B 340 -27.18 10.68 3.64
CA HIS B 340 -27.86 9.49 4.17
C HIS B 340 -27.14 9.07 5.46
N THR B 341 -27.69 9.51 6.58
CA THR B 341 -27.07 9.26 7.87
C THR B 341 -27.41 7.85 8.35
N ARG B 342 -26.40 7.16 8.86
CA ARG B 342 -26.54 5.78 9.27
C ARG B 342 -27.58 5.65 10.39
N PRO B 343 -28.45 4.63 10.33
CA PRO B 343 -29.47 4.50 11.39
C PRO B 343 -28.90 4.44 12.79
N SER B 344 -27.78 3.72 13.00
CA SER B 344 -27.20 3.66 14.34
C SER B 344 -26.64 5.00 14.78
N VAL B 345 -26.28 5.89 13.85
CA VAL B 345 -25.92 7.25 14.24
C VAL B 345 -27.16 8.04 14.61
N ILE B 346 -28.27 7.83 13.89
CA ILE B 346 -29.52 8.49 14.24
C ILE B 346 -29.96 8.09 15.64
N ALA B 347 -29.80 6.81 16.00
CA ALA B 347 -30.24 6.35 17.30
C ALA B 347 -29.45 7.04 18.42
N LEU B 348 -28.15 7.24 18.21
CA LEU B 348 -27.34 7.95 19.20
C LEU B 348 -27.74 9.42 19.27
N TRP B 349 -28.05 10.03 18.12
CA TRP B 349 -28.51 11.41 18.13
C TRP B 349 -29.78 11.57 18.95
N GLU B 350 -30.72 10.62 18.83
CA GLU B 350 -31.96 10.71 19.57
C GLU B 350 -31.71 10.65 21.07
N GLN B 351 -30.72 9.85 21.50
CA GLN B 351 -30.38 9.78 22.91
C GLN B 351 -29.71 11.08 23.37
N ALA B 352 -28.86 11.66 22.53
CA ALA B 352 -28.26 12.94 22.86
C ALA B 352 -29.31 14.03 22.99
N ARG B 353 -30.26 14.07 22.05
CA ARG B 353 -31.33 15.07 22.13
C ARG B 353 -32.10 14.95 23.43
N LYS B 354 -32.49 13.72 23.78
CA LYS B 354 -33.23 13.51 25.03
C LYS B 354 -32.43 14.02 26.23
N ALA B 355 -31.13 13.76 26.26
CA ALA B 355 -30.31 14.21 27.37
C ALA B 355 -30.27 15.74 27.45
N LEU B 356 -30.10 16.41 26.30
CA LEU B 356 -30.13 17.86 26.29
C LEU B 356 -31.48 18.39 26.76
N GLU B 357 -32.57 17.78 26.27
CA GLU B 357 -33.90 18.21 26.68
C GLU B 357 -34.14 17.92 28.16
N ALA B 358 -33.61 16.80 28.66
CA ALA B 358 -33.74 16.49 30.08
C ALA B 358 -33.00 17.49 30.94
N ALA B 359 -31.98 18.15 30.39
CA ALA B 359 -31.22 19.16 31.12
C ALA B 359 -31.86 20.54 31.06
N GLY B 360 -32.98 20.69 30.36
CA GLY B 360 -33.70 21.94 30.31
C GLY B 360 -33.49 22.76 29.06
N ALA B 361 -32.87 22.20 28.02
CA ALA B 361 -32.59 22.91 26.79
C ALA B 361 -33.69 22.65 25.77
N GLU B 362 -33.75 23.52 24.76
CA GLU B 362 -34.68 23.39 23.65
C GLU B 362 -33.88 23.10 22.38
N VAL B 363 -34.23 22.03 21.69
CA VAL B 363 -33.57 21.62 20.45
C VAL B 363 -34.56 21.83 19.31
N ILE B 364 -34.14 22.61 18.31
CA ILE B 364 -35.01 23.03 17.21
C ILE B 364 -34.43 22.52 15.90
N GLU B 365 -35.25 21.87 15.09
CA GLU B 365 -34.86 21.49 13.74
C GLU B 365 -34.92 22.72 12.84
N VAL B 366 -33.85 22.97 12.09
CA VAL B 366 -33.68 24.22 11.36
C VAL B 366 -33.05 23.94 9.99
N ASP B 367 -33.08 24.95 9.14
CA ASP B 367 -32.27 24.98 7.93
C ASP B 367 -30.80 25.17 8.32
N PHE B 368 -29.93 25.33 7.33
CA PHE B 368 -28.52 25.65 7.58
C PHE B 368 -27.97 26.45 6.41
N PRO B 369 -28.32 27.74 6.33
CA PRO B 369 -27.85 28.54 5.19
C PRO B 369 -26.35 28.53 4.98
N LEU B 370 -25.56 28.39 6.05
CA LEU B 370 -24.10 28.38 5.91
C LEU B 370 -23.65 27.37 4.87
N VAL B 371 -24.25 26.18 4.88
CA VAL B 371 -23.89 25.13 3.93
C VAL B 371 -24.68 25.27 2.62
N SER B 372 -26.00 25.52 2.72
CA SER B 372 -26.83 25.52 1.52
C SER B 372 -26.45 26.63 0.56
N ASN B 373 -26.00 27.78 1.07
CA ASN B 373 -25.62 28.90 0.23
C ASN B 373 -24.17 28.85 -0.23
N CYS B 374 -23.40 27.90 0.29
CA CYS B 374 -22.07 27.61 -0.25
C CYS B 374 -22.14 26.61 -1.39
N GLU B 375 -23.04 25.63 -1.30
CA GLU B 375 -23.08 24.50 -2.22
C GLU B 375 -24.26 24.54 -3.19
N GLY B 376 -25.19 25.49 -3.05
CA GLY B 376 -26.32 25.56 -3.96
C GLY B 376 -27.09 24.26 -4.06
N ASP B 377 -27.59 23.77 -2.93
CA ASP B 377 -28.15 22.43 -2.85
C ASP B 377 -29.65 22.37 -3.12
N ARG B 378 -30.31 23.49 -3.36
CA ARG B 378 -31.75 23.50 -3.58
C ARG B 378 -32.11 24.70 -4.44
N PRO B 379 -33.30 24.73 -5.03
CA PRO B 379 -33.65 25.81 -5.95
C PRO B 379 -33.55 27.18 -5.29
N GLY B 380 -32.91 28.12 -6.00
CA GLY B 380 -32.72 29.45 -5.52
C GLY B 380 -31.49 29.66 -4.66
N ALA B 381 -30.94 28.60 -4.08
CA ALA B 381 -29.78 28.76 -3.22
C ALA B 381 -28.55 29.10 -4.06
N PRO B 382 -27.74 30.09 -3.67
CA PRO B 382 -26.50 30.36 -4.40
C PRO B 382 -25.40 29.38 -4.02
N THR B 383 -24.30 29.47 -4.76
CA THR B 383 -23.05 28.84 -4.38
C THR B 383 -22.04 29.93 -4.06
N VAL B 384 -20.94 29.53 -3.42
CA VAL B 384 -19.87 30.48 -3.14
C VAL B 384 -19.29 31.03 -4.43
N PHE B 385 -19.41 30.30 -5.54
CA PHE B 385 -18.83 30.72 -6.79
C PHE B 385 -19.70 31.72 -7.56
N ASN B 386 -21.01 31.74 -7.33
CA ASN B 386 -21.90 32.61 -8.10
C ASN B 386 -22.62 33.63 -7.23
N ARG B 387 -22.37 33.69 -5.93
CA ARG B 387 -23.10 34.60 -5.06
C ARG B 387 -22.59 36.03 -5.18
N GLY B 388 -21.29 36.22 -5.41
CA GLY B 388 -20.72 37.53 -5.60
C GLY B 388 -20.15 38.18 -4.36
N LEU B 389 -20.29 37.57 -3.19
CA LEU B 389 -19.69 38.13 -1.99
C LEU B 389 -18.16 37.98 -2.03
N VAL B 390 -17.68 36.89 -2.60
CA VAL B 390 -16.27 36.76 -2.98
C VAL B 390 -16.23 36.45 -4.46
N SER B 391 -15.15 36.87 -5.11
CA SER B 391 -15.03 36.73 -6.55
C SER B 391 -14.44 35.37 -6.91
N LYS B 392 -14.81 34.89 -8.11
CA LYS B 392 -14.23 33.65 -8.61
C LYS B 392 -12.70 33.75 -8.66
N GLU B 393 -12.17 34.92 -9.01
CA GLU B 393 -10.73 35.08 -9.10
C GLU B 393 -10.07 34.96 -7.74
N PHE B 394 -10.72 35.40 -6.67
CA PHE B 394 -10.18 35.19 -5.33
C PHE B 394 -10.14 33.70 -4.99
N LEU B 395 -11.23 32.99 -5.27
CA LEU B 395 -11.25 31.55 -5.00
C LEU B 395 -10.16 30.83 -5.78
N HIS B 396 -9.82 31.33 -6.98
CA HIS B 396 -8.73 30.75 -7.75
C HIS B 396 -7.39 31.06 -7.11
N ASP B 397 -7.14 32.33 -6.76
CA ASP B 397 -5.89 32.69 -6.11
C ASP B 397 -5.75 31.97 -4.78
N GLU B 398 -6.86 31.73 -4.09
CA GLU B 398 -6.82 31.04 -2.80
C GLU B 398 -6.20 29.65 -2.94
N LEU B 399 -6.61 28.88 -3.97
CA LEU B 399 -6.07 27.53 -4.11
C LEU B 399 -4.66 27.50 -4.66
N TRP B 400 -4.27 28.50 -5.47
CA TRP B 400 -3.01 28.42 -6.18
C TRP B 400 -2.00 29.43 -5.67
N GLU B 401 -2.12 30.69 -6.08
CA GLU B 401 -1.09 31.68 -5.78
C GLU B 401 -0.87 31.79 -4.28
N LEU B 402 -1.94 31.89 -3.50
CA LEU B 402 -1.78 32.06 -2.06
C LEU B 402 -1.20 30.81 -1.41
N SER B 403 -1.58 29.63 -1.90
CA SER B 403 -1.09 28.39 -1.30
C SER B 403 0.37 28.14 -1.66
N ALA B 404 0.77 28.49 -2.89
CA ALA B 404 2.19 28.43 -3.24
C ALA B 404 3.02 29.32 -2.34
N TRP B 405 2.53 30.54 -2.05
CA TRP B 405 3.23 31.41 -1.12
C TRP B 405 3.33 30.77 0.26
N GLY B 406 2.25 30.14 0.72
CA GLY B 406 2.29 29.50 2.02
C GLY B 406 3.37 28.44 2.12
N PHE B 407 3.45 27.55 1.14
CA PHE B 407 4.46 26.50 1.15
C PHE B 407 5.86 27.11 1.11
N ASP B 408 6.09 28.04 0.18
CA ASP B 408 7.44 28.58 0.00
C ASP B 408 7.88 29.37 1.22
N ASP B 409 6.99 30.16 1.82
CA ASP B 409 7.40 30.96 2.96
C ASP B 409 7.63 30.09 4.19
N PHE B 410 6.88 29.00 4.33
CA PHE B 410 7.14 28.08 5.43
C PHE B 410 8.54 27.50 5.34
N LEU B 411 8.97 27.12 4.13
CA LEU B 411 10.31 26.59 3.95
C LEU B 411 11.38 27.65 4.22
N ARG B 412 11.17 28.87 3.72
CA ARG B 412 12.13 29.94 3.97
C ARG B 412 12.26 30.23 5.45
N ALA B 413 11.12 30.32 6.15
CA ALA B 413 11.15 30.66 7.57
C ALA B 413 11.84 29.58 8.38
N ASN B 414 11.60 28.31 8.05
CA ASN B 414 12.26 27.22 8.75
C ASN B 414 13.77 27.26 8.50
N GLY B 415 14.17 27.44 7.25
CA GLY B 415 15.58 27.67 6.93
C GLY B 415 16.48 26.46 7.03
N ASP B 416 15.98 25.27 6.74
CA ASP B 416 16.85 24.11 6.64
C ASP B 416 17.86 24.35 5.53
N PRO B 417 19.17 24.37 5.82
CA PRO B 417 20.14 24.63 4.74
C PRO B 417 20.02 23.67 3.57
N LYS B 418 19.55 22.45 3.81
CA LYS B 418 19.47 21.45 2.75
C LYS B 418 18.25 21.64 1.87
N LEU B 419 17.20 22.31 2.34
CA LEU B 419 15.98 22.50 1.55
C LEU B 419 15.18 23.63 2.19
N ASN B 420 15.20 24.80 1.55
CA ASN B 420 14.53 25.97 2.12
C ASN B 420 13.82 26.82 1.08
N ARG B 421 13.53 26.26 -0.10
CA ARG B 421 12.80 26.98 -1.13
C ARG B 421 11.92 25.99 -1.88
N LEU B 422 10.70 26.42 -2.21
CA LEU B 422 9.77 25.54 -2.93
C LEU B 422 10.31 25.17 -4.30
N ALA B 423 11.10 26.05 -4.92
CA ALA B 423 11.61 25.78 -6.27
C ALA B 423 12.60 24.64 -6.30
N ASP B 424 13.13 24.22 -5.15
CA ASP B 424 14.08 23.13 -5.07
C ASP B 424 13.42 21.80 -4.71
N VAL B 425 12.09 21.76 -4.68
CA VAL B 425 11.37 20.56 -4.26
C VAL B 425 11.14 19.67 -5.46
N ASP B 426 11.10 18.36 -5.21
CA ASP B 426 10.85 17.36 -6.25
C ASP B 426 9.34 17.23 -6.42
N GLY B 427 8.80 17.98 -7.39
CA GLY B 427 7.38 18.12 -7.55
C GLY B 427 6.60 16.83 -7.59
N PRO B 428 6.96 15.92 -8.49
CA PRO B 428 6.20 14.66 -8.62
C PRO B 428 6.18 13.84 -7.34
N GLN B 429 7.03 14.13 -6.36
CA GLN B 429 7.08 13.38 -5.11
C GLN B 429 6.33 14.04 -3.96
N ILE B 430 5.71 15.19 -4.20
CA ILE B 430 4.96 15.83 -3.12
C ILE B 430 3.78 14.97 -2.70
N PHE B 431 3.02 14.47 -3.67
CA PHE B 431 1.84 13.65 -3.39
C PHE B 431 1.69 12.61 -4.49
N PRO B 432 2.52 11.57 -4.46
CA PRO B 432 2.39 10.50 -5.46
C PRO B 432 1.23 9.57 -5.13
N HIS B 433 0.62 9.05 -6.20
CA HIS B 433 -0.50 8.12 -6.04
C HIS B 433 -0.02 6.77 -5.53
N ASP B 434 -0.84 6.14 -4.70
CA ASP B 434 -0.53 4.86 -4.08
C ASP B 434 -0.82 3.73 -5.05
N PRO B 435 0.19 3.07 -5.62
CA PRO B 435 -0.09 2.07 -6.67
C PRO B 435 -1.00 0.97 -6.16
N GLY B 436 -1.95 0.57 -7.02
CA GLY B 436 -2.90 -0.46 -6.68
C GLY B 436 -4.18 0.04 -6.02
N THR B 437 -4.26 1.33 -5.70
CA THR B 437 -5.47 1.89 -5.11
C THR B 437 -6.29 2.62 -6.16
N LEU B 438 -7.55 2.85 -5.83
CA LEU B 438 -8.47 3.48 -6.77
C LEU B 438 -8.15 4.96 -6.93
N PRO B 439 -8.61 5.58 -8.01
CA PRO B 439 -8.23 6.97 -8.28
C PRO B 439 -8.83 7.94 -7.28
N ASN B 440 -8.14 9.06 -7.10
CA ASN B 440 -8.68 10.16 -6.29
C ASN B 440 -9.82 10.82 -7.06
N ARG B 441 -11.01 10.83 -6.45
CA ARG B 441 -12.19 11.37 -7.12
C ARG B 441 -12.19 12.89 -7.21
N GLU B 442 -11.28 13.56 -6.51
CA GLU B 442 -11.14 15.01 -6.61
C GLU B 442 -10.23 15.44 -7.75
N GLY B 443 -9.69 14.50 -8.50
CA GLY B 443 -8.83 14.78 -9.64
C GLY B 443 -7.45 14.18 -9.48
N ASP B 444 -6.54 14.60 -10.34
CA ASP B 444 -5.16 14.13 -10.32
C ASP B 444 -4.36 15.02 -9.37
N LEU B 445 -4.17 14.55 -8.14
CA LEU B 445 -3.49 15.35 -7.12
C LEU B 445 -1.98 15.21 -7.18
N ALA B 446 -1.46 14.18 -7.83
CA ALA B 446 -0.02 14.10 -8.04
C ALA B 446 0.45 15.21 -8.96
N ALA B 447 -0.25 15.41 -10.09
CA ALA B 447 0.04 16.55 -10.95
C ALA B 447 -0.40 17.86 -10.29
N GLY B 448 -1.51 17.82 -9.55
CA GLY B 448 -1.99 19.03 -8.89
C GLY B 448 -0.93 19.68 -8.02
N MET B 449 -0.28 18.88 -7.18
CA MET B 449 0.72 19.42 -6.26
C MET B 449 2.02 19.77 -6.98
N ASP B 450 2.40 18.99 -7.98
CA ASP B 450 3.58 19.29 -8.78
C ASP B 450 3.50 20.70 -9.36
N GLU B 451 2.28 21.19 -9.63
CA GLU B 451 2.11 22.51 -10.22
C GLU B 451 2.66 23.61 -9.31
N TYR B 452 2.60 23.42 -7.99
CA TYR B 452 3.12 24.44 -7.07
C TYR B 452 4.62 24.64 -7.27
N VAL B 453 5.36 23.57 -7.58
CA VAL B 453 6.78 23.72 -7.87
C VAL B 453 6.97 24.47 -9.17
N ARG B 454 6.17 24.15 -10.19
CA ARG B 454 6.22 24.90 -11.44
C ARG B 454 5.95 26.38 -11.17
N MET B 455 5.07 26.69 -10.23
CA MET B 455 4.79 28.09 -9.90
C MET B 455 6.01 28.74 -9.25
N ALA B 456 6.63 28.06 -8.29
CA ALA B 456 7.83 28.60 -7.65
C ALA B 456 8.91 28.91 -8.67
N GLU B 457 9.06 28.04 -9.68
CA GLU B 457 10.08 28.27 -10.69
C GLU B 457 9.77 29.51 -11.53
N ARG B 458 8.50 29.89 -11.62
CA ARG B 458 8.10 31.13 -12.28
C ARG B 458 8.15 32.33 -11.36
N GLY B 459 8.25 32.13 -10.05
CA GLY B 459 8.23 33.24 -9.12
C GLY B 459 6.89 33.34 -8.41
N ILE B 460 6.92 33.44 -7.09
CA ILE B 460 5.72 33.44 -6.28
C ILE B 460 5.50 34.86 -5.75
N LYS B 461 4.32 35.41 -6.00
CA LYS B 461 3.95 36.70 -5.46
C LYS B 461 3.77 36.61 -3.95
N PRO B 462 4.30 37.55 -3.16
CA PRO B 462 4.05 37.52 -1.71
C PRO B 462 2.57 37.73 -1.40
N TRP B 463 2.19 37.37 -0.17
CA TRP B 463 0.78 37.44 0.21
C TRP B 463 0.25 38.86 0.08
N ASP B 464 1.04 39.85 0.49
CA ASP B 464 0.58 41.23 0.53
C ASP B 464 0.58 41.90 -0.85
N ARG B 465 0.88 41.16 -1.91
CA ARG B 465 0.77 41.67 -3.27
C ARG B 465 -0.27 40.92 -4.10
N ILE B 466 -1.04 40.03 -3.48
CA ILE B 466 -2.13 39.37 -4.18
C ILE B 466 -3.33 40.30 -4.18
N ALA B 467 -3.75 40.74 -5.37
CA ALA B 467 -4.68 41.85 -5.49
C ALA B 467 -6.06 41.50 -4.95
N THR B 468 -6.50 40.26 -5.14
CA THR B 468 -7.84 39.85 -4.74
C THR B 468 -7.99 39.61 -3.25
N LEU B 469 -6.88 39.63 -2.49
CA LEU B 469 -6.96 39.22 -1.09
C LEU B 469 -7.83 40.17 -0.27
N PRO B 470 -7.66 41.48 -0.35
CA PRO B 470 -8.47 42.37 0.50
C PRO B 470 -9.98 42.14 0.40
N ASP B 471 -10.52 42.13 -0.82
CA ASP B 471 -11.96 41.90 -0.98
C ASP B 471 -12.37 40.49 -0.60
N GLY B 472 -11.48 39.52 -0.80
CA GLY B 472 -11.82 38.14 -0.48
C GLY B 472 -12.00 37.92 1.01
N LEU B 473 -11.01 38.35 1.80
CA LEU B 473 -11.10 38.16 3.24
C LEU B 473 -12.30 38.88 3.83
N ARG B 474 -12.58 40.11 3.38
CA ARG B 474 -13.77 40.81 3.85
C ARG B 474 -15.04 40.10 3.40
N GLY B 475 -15.04 39.54 2.20
CA GLY B 475 -16.21 38.84 1.71
C GLY B 475 -16.50 37.56 2.50
N LEU B 476 -15.45 36.85 2.92
CA LEU B 476 -15.63 35.66 3.74
C LEU B 476 -16.29 36.02 5.06
N GLU B 477 -15.79 37.06 5.73
CA GLU B 477 -16.41 37.51 6.97
C GLU B 477 -17.84 37.96 6.74
N GLU B 478 -18.09 38.63 5.61
CA GLU B 478 -19.45 39.07 5.29
C GLU B 478 -20.39 37.87 5.13
N THR B 479 -19.91 36.81 4.49
CA THR B 479 -20.73 35.62 4.32
C THR B 479 -21.14 35.03 5.66
N ARG B 480 -20.23 34.98 6.63
CA ARG B 480 -20.57 34.45 7.93
C ARG B 480 -21.57 35.34 8.65
N ARG B 481 -21.43 36.66 8.49
CA ARG B 481 -22.34 37.58 9.16
C ARG B 481 -23.77 37.38 8.68
N ILE B 482 -23.96 37.22 7.37
CA ILE B 482 -25.31 37.08 6.81
C ILE B 482 -25.86 35.69 7.12
N ASP B 483 -25.08 34.65 6.86
CA ASP B 483 -25.60 33.29 6.87
C ASP B 483 -25.64 32.66 8.26
N LEU B 484 -24.85 33.16 9.21
CA LEU B 484 -24.75 32.51 10.52
C LEU B 484 -25.07 33.45 11.67
N GLU B 485 -24.41 34.59 11.76
CA GLU B 485 -24.50 35.41 12.97
C GLU B 485 -25.83 36.14 13.05
N GLU B 486 -26.24 36.80 11.96
CA GLU B 486 -27.57 37.41 11.95
C GLU B 486 -28.67 36.36 11.95
N TRP B 487 -28.39 35.19 11.37
CA TRP B 487 -29.36 34.11 11.35
C TRP B 487 -29.59 33.55 12.75
N MET B 488 -28.51 33.30 13.49
CA MET B 488 -28.66 32.78 14.85
C MET B 488 -29.31 33.80 15.77
N ARG B 489 -29.08 35.09 15.53
CA ARG B 489 -29.71 36.14 16.34
C ARG B 489 -31.22 36.12 16.15
N ARG B 490 -31.68 36.06 14.90
CA ARG B 490 -33.11 36.07 14.63
C ARG B 490 -33.79 34.80 15.12
N LEU B 491 -33.09 33.67 15.10
CA LEU B 491 -33.62 32.44 15.65
C LEU B 491 -33.44 32.33 17.16
N ARG B 492 -32.70 33.26 17.77
CA ARG B 492 -32.42 33.22 19.20
C ARG B 492 -31.71 31.92 19.60
N LEU B 493 -30.77 31.49 18.76
CA LEU B 493 -30.00 30.27 19.03
C LEU B 493 -28.74 30.58 19.82
N ASP B 494 -28.44 29.74 20.79
CA ASP B 494 -27.18 29.81 21.51
C ASP B 494 -26.07 29.02 20.82
N ALA B 495 -26.43 27.98 20.07
CA ALA B 495 -25.46 27.22 19.31
C ALA B 495 -26.19 26.32 18.33
N VAL B 496 -25.45 25.85 17.33
CA VAL B 496 -25.93 24.86 16.37
C VAL B 496 -25.16 23.58 16.63
N LEU B 497 -25.85 22.44 16.54
CA LEU B 497 -25.21 21.16 16.83
C LEU B 497 -25.73 20.09 15.87
N PHE B 498 -24.92 19.07 15.66
CA PHE B 498 -25.24 18.02 14.70
C PHE B 498 -24.24 16.88 14.87
N PRO B 499 -24.61 15.67 14.46
CA PRO B 499 -23.63 14.59 14.36
C PRO B 499 -22.45 15.05 13.53
N THR B 500 -21.24 14.74 14.01
CA THR B 500 -20.04 15.24 13.35
C THR B 500 -19.91 14.67 11.95
N VAL B 501 -20.32 13.42 11.77
CA VAL B 501 -20.26 12.72 10.49
C VAL B 501 -21.51 11.86 10.36
N ALA B 502 -21.87 11.56 9.11
CA ALA B 502 -23.08 10.82 8.81
C ALA B 502 -22.87 9.31 8.83
N ASP B 503 -21.65 8.86 8.58
CA ASP B 503 -21.32 7.44 8.49
C ASP B 503 -19.80 7.34 8.48
N VAL B 504 -19.29 6.11 8.45
CA VAL B 504 -17.85 5.86 8.41
C VAL B 504 -17.54 4.92 7.25
N GLY B 505 -16.47 5.22 6.53
CA GLY B 505 -16.09 4.43 5.39
C GLY B 505 -15.40 3.13 5.78
N PRO B 506 -15.61 2.05 5.02
CA PRO B 506 -14.87 0.80 5.29
C PRO B 506 -13.38 0.98 5.07
N ALA B 507 -12.59 0.16 5.78
CA ALA B 507 -11.13 0.28 5.75
C ALA B 507 -10.54 -0.03 4.38
N ASP B 508 -11.23 -0.82 3.55
CA ASP B 508 -10.75 -1.13 2.22
C ASP B 508 -11.29 -0.17 1.16
N ALA B 509 -11.69 1.04 1.57
CA ALA B 509 -12.18 2.02 0.61
C ALA B 509 -11.14 2.42 -0.42
N ASP B 510 -9.87 2.06 -0.21
CA ASP B 510 -8.81 2.39 -1.17
C ASP B 510 -8.74 1.41 -2.34
N VAL B 511 -9.32 0.22 -2.22
CA VAL B 511 -9.19 -0.80 -3.27
C VAL B 511 -10.51 -1.48 -3.62
N ASN B 512 -11.55 -1.25 -2.82
CA ASN B 512 -12.83 -1.94 -3.03
C ASN B 512 -13.85 -0.95 -3.60
N PRO B 513 -14.30 -1.12 -4.85
CA PRO B 513 -15.23 -0.14 -5.43
C PRO B 513 -16.49 0.10 -4.62
N ALA B 514 -17.13 -0.94 -4.10
CA ALA B 514 -18.34 -0.73 -3.30
C ALA B 514 -18.03 0.07 -2.05
N SER B 515 -16.88 -0.19 -1.42
CA SER B 515 -16.50 0.56 -0.23
C SER B 515 -16.18 2.00 -0.58
N ALA B 516 -15.54 2.22 -1.73
CA ALA B 516 -15.18 3.59 -2.12
C ALA B 516 -16.43 4.43 -2.34
N ASP B 517 -17.50 3.83 -2.87
CA ASP B 517 -18.74 4.56 -3.09
C ASP B 517 -19.27 5.14 -1.78
N ILE B 518 -19.26 4.33 -0.72
CA ILE B 518 -19.70 4.82 0.59
C ILE B 518 -18.75 5.91 1.08
N ALA B 519 -17.44 5.62 1.06
CA ALA B 519 -16.47 6.51 1.68
C ALA B 519 -16.43 7.88 1.01
N TRP B 520 -16.82 7.97 -0.26
CA TRP B 520 -16.75 9.22 -1.00
C TRP B 520 -18.09 9.94 -1.11
N SER B 521 -19.09 9.52 -0.34
CA SER B 521 -20.42 10.14 -0.39
C SER B 521 -20.51 11.31 0.60
N ASN B 522 -21.49 12.19 0.37
CA ASN B 522 -21.64 13.38 1.19
C ASN B 522 -21.95 13.00 2.63
N GLY B 523 -21.37 13.74 3.57
CA GLY B 523 -21.47 13.41 4.98
C GLY B 523 -20.49 12.35 5.46
N VAL B 524 -19.79 11.67 4.55
CA VAL B 524 -18.87 10.59 4.89
C VAL B 524 -17.46 10.90 4.42
N TRP B 525 -17.31 11.41 3.20
CA TRP B 525 -15.98 11.75 2.67
C TRP B 525 -15.33 12.86 3.48
N VAL B 526 -16.15 13.71 4.08
CA VAL B 526 -15.73 14.88 4.85
C VAL B 526 -16.73 15.06 5.97
N ALA B 527 -16.27 15.53 7.11
CA ALA B 527 -17.20 15.74 8.23
C ALA B 527 -18.30 16.70 7.81
N ASN B 528 -19.45 16.57 8.46
CA ASN B 528 -20.61 17.38 8.12
C ASN B 528 -20.26 18.87 8.14
N GLY B 529 -20.63 19.56 7.06
CA GLY B 529 -20.30 20.96 6.86
C GLY B 529 -19.39 21.22 5.68
N ASN B 530 -18.72 20.19 5.18
CA ASN B 530 -17.82 20.28 4.02
C ASN B 530 -16.88 21.46 4.22
N LEU B 531 -16.75 22.38 3.26
CA LEU B 531 -15.75 23.43 3.31
C LEU B 531 -16.22 24.68 4.04
N ALA B 532 -17.52 24.86 4.22
CA ALA B 532 -18.03 26.15 4.71
C ALA B 532 -17.54 26.45 6.11
N ILE B 533 -17.44 25.42 6.95
CA ILE B 533 -17.10 25.64 8.36
C ILE B 533 -15.76 26.39 8.48
N ARG B 534 -14.72 25.82 7.89
CA ARG B 534 -13.39 26.42 8.04
C ARG B 534 -13.21 27.64 7.13
N HIS B 535 -13.82 27.62 5.95
CA HIS B 535 -13.71 28.75 5.04
C HIS B 535 -14.24 30.04 5.67
N LEU B 536 -15.26 29.93 6.53
CA LEU B 536 -15.89 31.09 7.12
C LEU B 536 -15.47 31.33 8.57
N GLY B 537 -14.54 30.54 9.09
CA GLY B 537 -14.01 30.76 10.44
C GLY B 537 -14.97 30.50 11.56
N VAL B 538 -15.72 29.41 11.50
CA VAL B 538 -16.74 29.09 12.49
C VAL B 538 -16.08 28.29 13.61
N PRO B 539 -16.14 28.72 14.87
CA PRO B 539 -15.60 27.91 15.96
C PRO B 539 -16.50 26.71 16.24
N THR B 540 -15.87 25.58 16.58
CA THR B 540 -16.60 24.37 16.91
C THR B 540 -15.92 23.64 18.06
N VAL B 541 -16.73 22.84 18.76
CA VAL B 541 -16.24 21.93 19.79
C VAL B 541 -16.95 20.60 19.57
N THR B 542 -16.18 19.51 19.56
CA THR B 542 -16.68 18.17 19.33
C THR B 542 -16.46 17.31 20.56
N VAL B 543 -17.46 16.51 20.90
CA VAL B 543 -17.38 15.57 22.02
C VAL B 543 -17.99 14.25 21.59
N PRO B 544 -17.73 13.17 22.34
CA PRO B 544 -18.30 11.87 21.96
C PRO B 544 -19.81 11.85 22.14
N MET B 545 -20.51 11.35 21.12
CA MET B 545 -21.94 11.15 21.18
C MET B 545 -22.31 9.71 21.54
N GLY B 546 -21.34 8.80 21.50
CA GLY B 546 -21.56 7.40 21.82
C GLY B 546 -20.92 6.50 20.80
N VAL B 547 -21.22 5.21 20.89
CA VAL B 547 -20.62 4.19 20.03
C VAL B 547 -21.75 3.47 19.30
N MET B 548 -21.64 3.40 17.98
CA MET B 548 -22.66 2.75 17.17
C MET B 548 -22.82 1.29 17.59
N ALA B 549 -24.05 0.89 17.90
CA ALA B 549 -24.31 -0.43 18.45
C ALA B 549 -24.04 -1.55 17.44
N ASP B 550 -24.11 -1.27 16.14
CA ASP B 550 -23.97 -2.33 15.15
C ASP B 550 -22.51 -2.64 14.79
N ILE B 551 -21.65 -1.62 14.72
CA ILE B 551 -20.27 -1.81 14.26
C ILE B 551 -19.24 -1.31 15.25
N GLY B 552 -19.64 -0.80 16.42
CA GLY B 552 -18.69 -0.43 17.44
C GLY B 552 -17.82 0.76 17.14
N MET B 553 -18.22 1.63 16.19
CA MET B 553 -17.41 2.80 15.86
C MET B 553 -17.94 4.02 16.58
N PRO B 554 -17.10 4.83 17.23
CA PRO B 554 -17.60 6.06 17.85
C PRO B 554 -18.10 7.05 16.82
N VAL B 555 -18.94 7.97 17.28
CA VAL B 555 -19.35 9.12 16.48
C VAL B 555 -19.55 10.28 17.44
N GLY B 556 -19.13 11.47 17.01
CA GLY B 556 -19.16 12.64 17.86
C GLY B 556 -20.37 13.54 17.64
N LEU B 557 -20.52 14.48 18.56
CA LEU B 557 -21.50 15.57 18.46
C LEU B 557 -20.73 16.88 18.41
N THR B 558 -21.04 17.71 17.43
CA THR B 558 -20.32 18.96 17.22
C THR B 558 -21.22 20.14 17.59
N PHE B 559 -20.69 21.03 18.42
CA PHE B 559 -21.30 22.31 18.73
C PHE B 559 -20.61 23.39 17.92
N ALA B 560 -21.39 24.24 17.26
CA ALA B 560 -20.85 25.35 16.48
C ALA B 560 -21.59 26.63 16.83
N GLY B 561 -20.94 27.77 16.63
CA GLY B 561 -21.53 29.02 17.03
C GLY B 561 -20.88 30.23 16.38
N ARG B 562 -21.28 31.41 16.88
CA ARG B 562 -20.77 32.67 16.39
C ARG B 562 -19.26 32.76 16.59
N ALA B 563 -18.59 33.48 15.69
CA ALA B 563 -17.17 33.73 15.84
C ALA B 563 -16.89 34.40 17.17
N TYR B 564 -15.88 33.90 17.88
CA TYR B 564 -15.39 34.43 19.15
C TYR B 564 -16.35 34.15 20.30
N ASP B 565 -17.33 33.28 20.09
CA ASP B 565 -18.13 32.71 21.17
C ASP B 565 -17.53 31.40 21.68
N ASP B 566 -16.22 31.22 21.51
CA ASP B 566 -15.58 29.94 21.79
C ASP B 566 -15.82 29.50 23.23
N SER B 567 -15.77 30.43 24.17
CA SER B 567 -15.91 30.07 25.58
C SER B 567 -17.26 29.42 25.84
N ALA B 568 -18.33 30.01 25.32
CA ALA B 568 -19.67 29.46 25.53
C ALA B 568 -19.79 28.07 24.93
N LEU B 569 -19.20 27.86 23.75
CA LEU B 569 -19.27 26.56 23.11
C LEU B 569 -18.51 25.51 23.92
N LEU B 570 -17.35 25.87 24.46
CA LEU B 570 -16.61 24.94 25.31
C LEU B 570 -17.42 24.54 26.53
N ARG B 571 -18.16 25.49 27.12
CA ARG B 571 -18.95 25.19 28.29
C ARG B 571 -20.11 24.27 27.96
N PHE B 572 -20.78 24.50 26.83
CA PHE B 572 -21.86 23.60 26.41
C PHE B 572 -21.34 22.18 26.24
N ALA B 573 -20.17 22.03 25.60
CA ALA B 573 -19.59 20.70 25.41
C ALA B 573 -19.33 20.01 26.74
N ALA B 574 -18.71 20.72 27.68
CA ALA B 574 -18.48 20.14 29.00
C ALA B 574 -19.79 19.74 29.66
N ALA B 575 -20.81 20.60 29.55
CA ALA B 575 -22.09 20.29 30.18
C ALA B 575 -22.72 19.06 29.57
N PHE B 576 -22.71 18.95 28.24
CA PHE B 576 -23.25 17.75 27.61
C PHE B 576 -22.48 16.51 28.05
N GLU B 577 -21.15 16.57 28.02
CA GLU B 577 -20.34 15.44 28.42
C GLU B 577 -20.71 14.96 29.82
N SER B 578 -21.01 15.89 30.73
CA SER B 578 -21.32 15.53 32.10
C SER B 578 -22.62 14.74 32.23
N THR B 579 -23.51 14.83 31.25
CA THR B 579 -24.78 14.11 31.33
C THR B 579 -24.65 12.61 31.05
N GLY B 580 -23.44 12.13 30.76
CA GLY B 580 -23.25 10.71 30.56
C GLY B 580 -21.77 10.37 30.47
N SER B 581 -21.51 9.08 30.19
CA SER B 581 -20.17 8.56 30.00
C SER B 581 -20.19 7.81 28.67
N ARG B 582 -19.96 8.54 27.58
CA ARG B 582 -20.17 8.03 26.24
C ARG B 582 -18.90 7.58 25.55
N ARG B 583 -17.76 7.62 26.23
CA ARG B 583 -16.50 7.14 25.68
C ARG B 583 -16.16 5.79 26.28
N ILE B 584 -15.57 4.91 25.47
CA ILE B 584 -15.07 3.63 25.93
C ILE B 584 -13.63 3.47 25.46
N VAL B 585 -12.87 2.69 26.20
CA VAL B 585 -11.51 2.34 25.78
C VAL B 585 -11.58 1.50 24.51
N PRO B 586 -10.74 1.73 23.50
CA PRO B 586 -10.80 0.92 22.28
C PRO B 586 -10.53 -0.55 22.60
N PRO B 587 -11.37 -1.46 22.11
CA PRO B 587 -11.17 -2.89 22.45
C PRO B 587 -9.87 -3.48 21.89
N ARG B 588 -9.24 -2.87 20.90
CA ARG B 588 -8.03 -3.42 20.33
C ARG B 588 -6.77 -3.05 21.11
N THR B 589 -6.87 -2.10 22.05
CA THR B 589 -5.71 -1.62 22.80
C THR B 589 -6.01 -1.61 24.29
N PRO B 590 -6.25 -2.78 24.87
CA PRO B 590 -6.55 -2.83 26.31
C PRO B 590 -5.32 -2.50 27.13
N PRO B 591 -5.48 -2.27 28.44
CA PRO B 591 -4.31 -2.07 29.30
C PRO B 591 -3.37 -3.27 29.24
N LEU B 592 -2.08 -2.98 29.32
CA LEU B 592 -1.07 -4.04 29.23
C LEU B 592 -0.98 -4.80 30.54
N ALA B 593 -0.81 -6.12 30.44
CA ALA B 593 -0.71 -6.97 31.61
C ALA B 593 0.76 -7.21 31.96
#